data_1ZB1
#
_entry.id   1ZB1
#
_cell.length_a   76.445
_cell.length_b   58.274
_cell.length_c   120.823
_cell.angle_alpha   90.00
_cell.angle_beta   90.79
_cell.angle_gamma   90.00
#
_symmetry.space_group_name_H-M   'P 1 21 1'
#
loop_
_entity.id
_entity.type
_entity.pdbx_description
1 polymer 'BRO1 protein'
2 water water
#
_entity_poly.entity_id   1
_entity_poly.type   'polypeptide(L)'
_entity_poly.pdbx_seq_one_letter_code
;GAMGSMKPYLFDLKLKDTEKLDWKKGLSSYLKKSYGSSQWRTFYDEKATSELDHLRNNANGELAPSSLSEQNLKYYSFLE
HLYFRLGSKGSRLKMDFTWYDAEYSSAQKGLKYTQHTLAFEKSCTLFNIAVIFTQIARENINEDYKNSIANLTKAFSCFE
YLSENFLNSPSVDLQSENTRFLANICHAEAQELFVLKLLNDQISSKQYTLISKLSRATCNLFQKCHDFMKEIDDDVAIYG
EPKWKTTVTCKLHFYKSLSAYYHGLHLEEENRVGEAIAFLDFSMQQLISSLPFKTWLVEFIDFDGFKETLEKKQKELIKD
NDFIYHESVPAVVQVDSIKALDAIKSPTWEKILEPYMQDVANKYDSLYRGIIPLDVYEKESIYSEEKATLLR
;
_entity_poly.pdbx_strand_id   A,B
#
# COMPACT_ATOMS: atom_id res chain seq x y z
N MET A 6 -3.67 18.16 -3.94
CA MET A 6 -3.26 19.00 -2.76
C MET A 6 -2.01 19.82 -3.03
N LYS A 7 -2.02 21.06 -2.55
CA LYS A 7 -0.89 21.97 -2.73
C LYS A 7 -0.10 22.02 -1.41
N PRO A 8 1.24 21.95 -1.48
CA PRO A 8 2.09 21.98 -0.29
C PRO A 8 2.17 23.37 0.35
N TYR A 9 2.07 23.39 1.68
CA TYR A 9 2.14 24.63 2.44
C TYR A 9 3.43 24.60 3.27
N LEU A 10 4.43 25.39 2.86
CA LEU A 10 5.71 25.44 3.57
C LEU A 10 5.89 26.73 4.36
N PHE A 11 6.36 26.60 5.61
CA PHE A 11 6.59 27.77 6.47
C PHE A 11 7.77 28.56 5.93
N ASP A 12 7.65 29.89 5.97
CA ASP A 12 8.72 30.75 5.48
C ASP A 12 9.62 31.17 6.65
N LEU A 13 10.81 30.58 6.72
CA LEU A 13 11.75 30.90 7.80
C LEU A 13 12.50 32.20 7.51
N LYS A 14 12.98 32.87 8.57
CA LYS A 14 13.68 34.13 8.41
C LYS A 14 15.18 34.06 8.65
N LEU A 15 15.92 34.84 7.85
CA LEU A 15 17.38 34.91 7.96
C LEU A 15 17.76 35.89 9.07
N LYS A 16 18.97 35.75 9.59
CA LYS A 16 19.47 36.69 10.59
C LYS A 16 20.34 37.69 9.83
N ASP A 17 20.12 38.99 10.06
CA ASP A 17 20.92 40.00 9.38
C ASP A 17 22.22 40.21 10.17
N THR A 18 23.21 40.81 9.51
CA THR A 18 24.50 41.07 10.15
C THR A 18 25.06 42.40 9.65
N GLU A 19 25.93 43.01 10.43
CA GLU A 19 26.52 44.27 10.01
C GLU A 19 27.76 43.98 9.17
N LYS A 20 28.05 44.86 8.22
CA LYS A 20 29.23 44.70 7.38
C LYS A 20 30.46 44.65 8.28
N LEU A 21 31.28 43.63 8.11
CA LEU A 21 32.50 43.48 8.91
C LEU A 21 33.70 43.70 7.99
N ASP A 22 34.68 44.48 8.44
CA ASP A 22 35.86 44.72 7.61
C ASP A 22 37.00 43.80 8.01
N TRP A 23 37.09 42.65 7.34
CA TRP A 23 38.15 41.69 7.65
C TRP A 23 39.54 42.27 7.37
N LYS A 24 39.67 43.11 6.33
CA LYS A 24 40.95 43.70 6.00
C LYS A 24 41.45 44.58 7.16
N LYS A 25 40.63 45.55 7.56
CA LYS A 25 40.99 46.43 8.65
C LYS A 25 41.16 45.67 9.96
N GLY A 26 40.25 44.73 10.22
CA GLY A 26 40.30 43.97 11.46
C GLY A 26 41.52 43.07 11.59
N LEU A 27 41.92 42.45 10.49
CA LEU A 27 43.08 41.56 10.52
C LEU A 27 44.39 42.34 10.54
N SER A 28 44.46 43.42 9.77
CA SER A 28 45.69 44.21 9.75
C SER A 28 45.90 44.88 11.10
N SER A 29 44.81 45.35 11.73
CA SER A 29 44.93 45.98 13.03
C SER A 29 45.51 44.99 14.03
N TYR A 30 44.94 43.79 14.06
CA TYR A 30 45.43 42.76 14.96
C TYR A 30 46.93 42.55 14.75
N LEU A 31 47.32 42.44 13.49
CA LEU A 31 48.72 42.23 13.13
C LEU A 31 49.60 43.41 13.55
N LYS A 32 49.14 44.63 13.27
CA LYS A 32 49.90 45.83 13.64
C LYS A 32 50.11 45.93 15.15
N LYS A 33 49.17 45.37 15.90
CA LYS A 33 49.25 45.39 17.36
C LYS A 33 50.10 44.24 17.88
N SER A 34 50.06 43.11 17.17
CA SER A 34 50.83 41.93 17.57
C SER A 34 52.31 42.13 17.27
N TYR A 35 52.62 42.63 16.07
CA TYR A 35 54.00 42.89 15.68
C TYR A 35 54.13 44.38 15.45
N GLY A 36 55.35 44.87 15.28
CA GLY A 36 55.54 46.28 15.05
C GLY A 36 54.96 46.71 13.71
N SER A 37 54.88 48.02 13.50
CA SER A 37 54.38 48.55 12.24
C SER A 37 55.41 48.29 11.15
N SER A 38 56.58 47.84 11.58
CA SER A 38 57.68 47.55 10.67
C SER A 38 57.80 46.05 10.38
N GLN A 39 56.97 45.24 11.03
CA GLN A 39 57.01 43.80 10.83
C GLN A 39 55.70 43.15 10.37
N TRP A 40 54.56 43.71 10.78
CA TRP A 40 53.26 43.14 10.45
C TRP A 40 52.94 42.78 8.99
N ARG A 41 53.38 43.60 8.03
CA ARG A 41 53.07 43.31 6.63
C ARG A 41 53.53 41.93 6.17
N THR A 42 54.59 41.42 6.78
CA THR A 42 55.11 40.11 6.42
C THR A 42 54.11 39.00 6.74
N PHE A 43 53.27 39.23 7.74
CA PHE A 43 52.29 38.24 8.16
C PHE A 43 50.91 38.43 7.53
N TYR A 44 50.80 39.40 6.63
CA TYR A 44 49.54 39.72 5.97
C TYR A 44 49.46 39.24 4.52
N ASP A 45 48.35 38.59 4.18
CA ASP A 45 48.12 38.12 2.81
C ASP A 45 47.02 39.03 2.28
N GLU A 46 47.41 40.11 1.61
CA GLU A 46 46.46 41.09 1.08
C GLU A 46 45.41 40.49 0.15
N LYS A 47 45.85 39.66 -0.79
CA LYS A 47 44.93 39.06 -1.75
C LYS A 47 43.89 38.16 -1.09
N ALA A 48 44.35 37.20 -0.27
CA ALA A 48 43.43 36.30 0.40
C ALA A 48 42.48 37.05 1.32
N THR A 49 43.01 38.00 2.10
CA THR A 49 42.18 38.76 3.02
C THR A 49 41.13 39.60 2.28
N SER A 50 41.48 40.07 1.09
CA SER A 50 40.56 40.86 0.29
C SER A 50 39.42 39.94 -0.21
N GLU A 51 39.78 38.73 -0.63
CA GLU A 51 38.81 37.77 -1.12
C GLU A 51 37.88 37.30 0.01
N LEU A 52 38.44 37.12 1.19
CA LEU A 52 37.68 36.71 2.37
C LEU A 52 36.66 37.77 2.75
N ASP A 53 37.08 39.03 2.77
CA ASP A 53 36.18 40.12 3.12
C ASP A 53 35.00 40.15 2.14
N HIS A 54 35.30 39.88 0.87
CA HIS A 54 34.29 39.86 -0.16
C HIS A 54 33.34 38.65 0.02
N LEU A 55 33.92 37.50 0.36
CA LEU A 55 33.14 36.28 0.56
C LEU A 55 32.08 36.48 1.63
N ARG A 56 32.45 37.09 2.76
CA ARG A 56 31.48 37.31 3.83
C ARG A 56 30.37 38.24 3.37
N ASN A 57 30.73 39.26 2.59
CA ASN A 57 29.69 40.16 2.12
C ASN A 57 28.74 39.40 1.19
N ASN A 58 29.29 38.50 0.36
CA ASN A 58 28.44 37.73 -0.55
C ASN A 58 27.59 36.65 0.14
N ALA A 59 27.95 36.27 1.36
CA ALA A 59 27.18 35.28 2.10
C ALA A 59 26.01 35.98 2.77
N ASN A 60 25.98 37.30 2.65
CA ASN A 60 24.92 38.06 3.29
C ASN A 60 24.28 39.12 2.42
N GLY A 61 24.30 38.88 1.11
CA GLY A 61 23.72 39.84 0.18
C GLY A 61 22.55 39.36 -0.66
N GLU A 62 22.46 39.87 -1.89
CA GLU A 62 21.37 39.58 -2.80
C GLU A 62 21.46 38.36 -3.75
N LEU A 63 22.44 37.48 -3.53
CA LEU A 63 22.56 36.30 -4.41
C LEU A 63 21.34 35.38 -4.34
N ALA A 64 21.11 34.62 -5.42
CA ALA A 64 19.99 33.68 -5.48
C ALA A 64 20.27 32.58 -4.46
N PRO A 65 19.23 31.90 -3.97
CA PRO A 65 19.37 30.83 -2.98
C PRO A 65 20.52 29.84 -3.09
N SER A 66 20.63 29.12 -4.21
CA SER A 66 21.73 28.15 -4.32
C SER A 66 23.11 28.79 -4.28
N SER A 67 23.25 29.94 -4.92
CA SER A 67 24.52 30.66 -4.94
C SER A 67 24.80 31.26 -3.55
N LEU A 68 23.78 31.78 -2.90
CA LEU A 68 23.91 32.34 -1.55
C LEU A 68 24.35 31.24 -0.58
N SER A 69 23.77 30.06 -0.74
CA SER A 69 24.10 28.88 0.08
C SER A 69 25.58 28.54 -0.07
N GLU A 70 26.03 28.48 -1.31
CA GLU A 70 27.43 28.19 -1.61
C GLU A 70 28.38 29.14 -0.88
N GLN A 71 28.08 30.44 -0.91
CA GLN A 71 28.95 31.43 -0.24
C GLN A 71 29.02 31.15 1.26
N ASN A 72 27.88 30.83 1.85
CA ASN A 72 27.83 30.54 3.28
C ASN A 72 28.57 29.26 3.68
N LEU A 73 28.44 28.20 2.87
CA LEU A 73 29.14 26.94 3.16
C LEU A 73 30.64 27.18 3.07
N LYS A 74 31.08 27.96 2.09
CA LYS A 74 32.51 28.25 1.94
C LYS A 74 33.01 29.13 3.09
N TYR A 75 32.20 30.10 3.50
CA TYR A 75 32.59 30.96 4.60
C TYR A 75 32.64 30.16 5.90
N TYR A 76 31.69 29.25 6.10
CA TYR A 76 31.70 28.42 7.33
C TYR A 76 32.99 27.60 7.34
N SER A 77 33.35 27.05 6.18
CA SER A 77 34.57 26.25 6.09
C SER A 77 35.77 27.06 6.56
N PHE A 78 35.84 28.32 6.13
CA PHE A 78 36.93 29.21 6.53
C PHE A 78 36.97 29.29 8.05
N LEU A 79 35.80 29.50 8.63
CA LEU A 79 35.65 29.63 10.09
C LEU A 79 36.02 28.35 10.83
N GLU A 80 35.61 27.20 10.30
CA GLU A 80 35.88 25.93 10.95
C GLU A 80 37.39 25.66 11.00
N HIS A 81 38.08 25.90 9.89
CA HIS A 81 39.52 25.71 9.86
C HIS A 81 40.22 26.71 10.78
N LEU A 82 39.69 27.92 10.85
CA LEU A 82 40.27 28.95 11.71
C LEU A 82 40.13 28.50 13.16
N TYR A 83 38.97 27.93 13.48
CA TYR A 83 38.69 27.44 14.82
C TYR A 83 39.56 26.23 15.16
N PHE A 84 39.82 25.37 14.19
CA PHE A 84 40.68 24.21 14.42
C PHE A 84 42.07 24.68 14.82
N ARG A 85 42.50 25.79 14.23
CA ARG A 85 43.82 26.35 14.49
C ARG A 85 43.95 27.28 15.69
N LEU A 86 42.94 28.11 15.94
CA LEU A 86 42.97 29.05 17.05
C LEU A 86 42.18 28.63 18.28
N GLY A 87 41.07 27.93 18.08
CA GLY A 87 40.26 27.49 19.20
C GLY A 87 39.63 28.66 19.94
N SER A 88 39.56 28.56 21.27
CA SER A 88 38.98 29.62 22.07
C SER A 88 39.83 30.89 21.99
N LYS A 89 41.03 30.75 21.43
CA LYS A 89 41.92 31.89 21.28
C LYS A 89 41.46 32.76 20.10
N GLY A 90 40.50 32.24 19.34
CA GLY A 90 39.99 32.98 18.20
C GLY A 90 39.48 34.36 18.57
N SER A 91 39.08 34.52 19.83
CA SER A 91 38.55 35.78 20.35
C SER A 91 39.62 36.88 20.43
N ARG A 92 40.88 36.49 20.43
CA ARG A 92 41.97 37.48 20.52
C ARG A 92 42.01 38.40 19.30
N LEU A 93 41.38 37.97 18.21
CA LEU A 93 41.36 38.79 16.99
C LEU A 93 40.47 39.99 17.23
N LYS A 94 39.58 39.89 18.21
CA LYS A 94 38.66 40.98 18.53
C LYS A 94 37.85 41.44 17.33
N MET A 95 37.39 40.50 16.51
CA MET A 95 36.57 40.84 15.36
C MET A 95 35.20 41.19 15.91
N ASP A 96 34.62 42.30 15.46
CA ASP A 96 33.32 42.69 15.96
C ASP A 96 32.15 42.02 15.24
N PHE A 97 32.05 40.70 15.37
CA PHE A 97 30.97 39.92 14.76
C PHE A 97 29.65 40.44 15.34
N THR A 98 28.81 41.02 14.48
CA THR A 98 27.55 41.61 14.92
C THR A 98 26.33 41.03 14.19
N TRP A 99 25.46 40.35 14.94
CA TRP A 99 24.26 39.74 14.36
C TRP A 99 22.94 40.16 15.00
N TYR A 100 21.92 40.31 14.14
CA TYR A 100 20.58 40.69 14.58
C TYR A 100 19.70 39.45 14.71
N ASP A 101 18.72 39.49 15.61
CA ASP A 101 17.81 38.37 15.77
C ASP A 101 16.89 38.35 14.53
N ALA A 102 16.49 37.15 14.09
CA ALA A 102 15.59 37.03 12.94
C ALA A 102 14.31 37.80 13.23
N GLU A 103 13.79 38.48 12.22
CA GLU A 103 12.58 39.29 12.38
C GLU A 103 11.31 38.61 11.90
N TYR A 104 10.53 38.04 12.82
CA TYR A 104 9.29 37.38 12.44
C TYR A 104 8.12 38.36 12.60
N SER A 105 7.67 38.51 13.84
CA SER A 105 6.57 39.40 14.18
C SER A 105 6.61 39.64 15.67
N SER A 106 6.52 38.56 16.43
CA SER A 106 6.54 38.61 17.88
C SER A 106 7.92 39.01 18.41
N ALA A 107 8.96 38.68 17.65
CA ALA A 107 10.33 39.01 18.04
C ALA A 107 10.58 40.52 17.96
N GLN A 108 11.77 40.94 18.38
CA GLN A 108 12.14 42.35 18.35
C GLN A 108 12.10 42.94 16.94
N LYS A 109 12.61 44.16 16.80
CA LYS A 109 12.63 44.84 15.51
C LYS A 109 14.02 45.38 15.20
N GLY A 110 15.01 44.94 15.97
CA GLY A 110 16.37 45.40 15.75
C GLY A 110 17.30 45.04 16.89
N LEU A 111 17.09 43.86 17.48
CA LEU A 111 17.93 43.40 18.59
C LEU A 111 19.19 42.73 18.06
N LYS A 112 20.35 43.31 18.37
CA LYS A 112 21.61 42.76 17.91
C LYS A 112 22.62 42.56 19.03
N TYR A 113 23.61 41.71 18.77
CA TYR A 113 24.68 41.42 19.72
C TYR A 113 26.01 41.39 18.99
N THR A 114 27.06 41.75 19.73
CA THR A 114 28.42 41.74 19.19
C THR A 114 29.21 40.85 20.15
N GLN A 115 29.89 39.85 19.60
CA GLN A 115 30.67 38.91 20.40
C GLN A 115 31.89 38.50 19.57
N HIS A 116 33.04 38.35 20.21
CA HIS A 116 34.28 38.01 19.53
C HIS A 116 34.57 36.53 19.27
N THR A 117 33.84 35.64 19.91
CA THR A 117 34.10 34.21 19.73
C THR A 117 33.73 33.70 18.33
N LEU A 118 34.53 32.75 17.84
CA LEU A 118 34.28 32.17 16.54
C LEU A 118 32.97 31.38 16.57
N ALA A 119 32.62 30.83 17.75
CA ALA A 119 31.38 30.07 17.89
C ALA A 119 30.14 30.92 17.55
N PHE A 120 30.19 32.20 17.89
CA PHE A 120 29.07 33.10 17.61
C PHE A 120 28.94 33.28 16.08
N GLU A 121 30.04 33.64 15.42
CA GLU A 121 30.05 33.83 13.97
C GLU A 121 29.64 32.54 13.25
N LYS A 122 30.14 31.39 13.74
CA LYS A 122 29.81 30.09 13.15
C LYS A 122 28.33 29.73 13.30
N SER A 123 27.83 29.78 14.53
CA SER A 123 26.44 29.43 14.79
C SER A 123 25.46 30.27 13.98
N CYS A 124 25.71 31.57 13.90
CA CYS A 124 24.80 32.45 13.15
C CYS A 124 24.84 32.12 11.65
N THR A 125 26.03 31.87 11.13
CA THR A 125 26.18 31.51 9.72
C THR A 125 25.45 30.19 9.42
N LEU A 126 25.62 29.20 10.30
CA LEU A 126 24.97 27.90 10.09
C LEU A 126 23.46 28.00 10.21
N PHE A 127 22.98 28.92 11.04
CA PHE A 127 21.54 29.12 11.17
C PHE A 127 21.01 29.57 9.80
N ASN A 128 21.72 30.50 9.17
CA ASN A 128 21.30 30.99 7.85
C ASN A 128 21.42 29.90 6.77
N ILE A 129 22.44 29.05 6.89
CA ILE A 129 22.63 27.97 5.94
C ILE A 129 21.39 27.05 5.99
N ALA A 130 20.94 26.75 7.20
CA ALA A 130 19.76 25.90 7.38
C ALA A 130 18.54 26.58 6.77
N VAL A 131 18.37 27.88 7.02
CA VAL A 131 17.24 28.61 6.46
C VAL A 131 17.33 28.61 4.93
N ILE A 132 18.52 28.84 4.39
CA ILE A 132 18.69 28.88 2.95
C ILE A 132 18.31 27.53 2.31
N PHE A 133 18.57 26.42 3.00
CA PHE A 133 18.18 25.14 2.45
C PHE A 133 16.65 25.09 2.32
N THR A 134 15.91 25.68 3.27
CA THR A 134 14.45 25.68 3.16
C THR A 134 14.00 26.60 2.03
N GLN A 135 14.78 27.64 1.75
CA GLN A 135 14.42 28.56 0.66
C GLN A 135 14.64 27.89 -0.69
N ILE A 136 15.67 27.06 -0.78
CA ILE A 136 15.94 26.35 -2.03
C ILE A 136 14.79 25.36 -2.26
N ALA A 137 14.35 24.70 -1.19
CA ALA A 137 13.25 23.74 -1.28
C ALA A 137 11.99 24.43 -1.75
N ARG A 138 11.73 25.63 -1.21
CA ARG A 138 10.55 26.39 -1.58
C ARG A 138 10.57 26.74 -3.05
N GLU A 139 11.74 27.21 -3.50
CA GLU A 139 11.95 27.63 -4.89
C GLU A 139 11.83 26.48 -5.89
N ASN A 140 12.17 25.27 -5.48
CA ASN A 140 12.10 24.10 -6.37
C ASN A 140 10.90 23.22 -6.09
N ILE A 141 9.90 23.76 -5.40
CA ILE A 141 8.69 23.02 -5.06
C ILE A 141 7.87 22.77 -6.32
N ASN A 142 8.48 23.02 -7.47
CA ASN A 142 7.79 22.85 -8.74
C ASN A 142 8.01 21.47 -9.37
N GLU A 143 9.15 20.84 -9.07
CA GLU A 143 9.43 19.52 -9.62
C GLU A 143 8.59 18.46 -8.92
N ASP A 144 9.04 17.21 -9.00
CA ASP A 144 8.34 16.08 -8.40
C ASP A 144 8.63 15.96 -6.90
N TYR A 145 8.95 17.09 -6.27
CA TYR A 145 9.24 17.12 -4.83
C TYR A 145 10.59 16.53 -4.46
N LYS A 146 11.21 15.79 -5.38
CA LYS A 146 12.50 15.18 -5.11
C LYS A 146 13.55 16.15 -4.54
N ASN A 147 13.76 17.27 -5.24
CA ASN A 147 14.72 18.27 -4.82
C ASN A 147 14.32 18.95 -3.51
N SER A 148 13.06 19.32 -3.40
CA SER A 148 12.56 19.97 -2.19
C SER A 148 12.70 19.09 -0.97
N ILE A 149 12.48 17.79 -1.13
CA ILE A 149 12.60 16.85 -0.02
C ILE A 149 14.06 16.79 0.44
N ALA A 150 14.97 16.67 -0.53
CA ALA A 150 16.39 16.60 -0.26
C ALA A 150 16.91 17.85 0.47
N ASN A 151 16.42 19.02 0.09
CA ASN A 151 16.86 20.25 0.73
C ASN A 151 16.25 20.46 2.12
N LEU A 152 15.01 20.03 2.32
CA LEU A 152 14.39 20.14 3.64
C LEU A 152 15.11 19.16 4.59
N THR A 153 15.57 18.05 4.04
CA THR A 153 16.27 17.04 4.83
C THR A 153 17.59 17.64 5.33
N LYS A 154 18.28 18.38 4.46
CA LYS A 154 19.54 19.00 4.87
C LYS A 154 19.28 20.11 5.90
N ALA A 155 18.20 20.86 5.73
CA ALA A 155 17.88 21.91 6.70
C ALA A 155 17.72 21.26 8.06
N PHE A 156 16.99 20.15 8.09
CA PHE A 156 16.76 19.39 9.32
C PHE A 156 18.10 19.06 9.99
N SER A 157 19.03 18.54 9.20
CA SER A 157 20.35 18.19 9.72
C SER A 157 21.09 19.40 10.31
N CYS A 158 21.04 20.55 9.65
CA CYS A 158 21.71 21.75 10.14
C CYS A 158 21.13 22.27 11.47
N PHE A 159 19.82 22.36 11.57
CA PHE A 159 19.18 22.82 12.81
C PHE A 159 19.43 21.87 13.97
N GLU A 160 19.49 20.59 13.66
CA GLU A 160 19.73 19.56 14.67
C GLU A 160 21.13 19.74 15.25
N TYR A 161 22.12 19.93 14.38
CA TYR A 161 23.50 20.13 14.82
C TYR A 161 23.61 21.38 15.68
N LEU A 162 22.91 22.42 15.29
CA LEU A 162 22.90 23.66 16.05
C LEU A 162 22.34 23.46 17.47
N SER A 163 21.23 22.74 17.58
CA SER A 163 20.62 22.54 18.89
C SER A 163 21.48 21.68 19.81
N GLU A 164 22.23 20.75 19.23
CA GLU A 164 23.07 19.87 20.03
C GLU A 164 24.50 20.38 20.27
N ASN A 165 24.93 21.38 19.51
CA ASN A 165 26.30 21.88 19.65
C ASN A 165 26.57 23.29 20.17
N PHE A 166 25.58 24.17 20.16
CA PHE A 166 25.78 25.53 20.67
C PHE A 166 24.75 25.78 21.77
N LEU A 167 25.22 25.86 23.01
CA LEU A 167 24.31 25.99 24.15
C LEU A 167 24.09 27.31 24.90
N ASN A 168 25.01 28.27 24.80
CA ASN A 168 24.83 29.52 25.53
C ASN A 168 24.86 30.77 24.64
N SER A 169 24.17 30.71 23.51
CA SER A 169 24.13 31.82 22.58
C SER A 169 23.39 33.01 23.15
N PRO A 170 23.84 34.24 22.83
CA PRO A 170 23.15 35.43 23.33
C PRO A 170 21.85 35.67 22.55
N SER A 171 21.72 35.03 21.39
CA SER A 171 20.52 35.18 20.56
C SER A 171 19.44 34.14 20.79
N VAL A 172 18.19 34.60 20.84
CA VAL A 172 17.04 33.73 21.04
C VAL A 172 16.93 32.70 19.92
N ASP A 173 17.38 33.06 18.72
CA ASP A 173 17.32 32.18 17.57
C ASP A 173 18.15 30.91 17.77
N LEU A 174 19.24 31.04 18.53
CA LEU A 174 20.12 29.90 18.74
C LEU A 174 19.93 29.15 20.05
N GLN A 175 18.83 29.41 20.73
CA GLN A 175 18.55 28.70 21.97
C GLN A 175 18.26 27.25 21.53
N SER A 176 18.86 26.29 22.23
CA SER A 176 18.70 24.88 21.88
C SER A 176 17.28 24.40 21.61
N GLU A 177 16.32 24.86 22.41
CA GLU A 177 14.94 24.43 22.20
C GLU A 177 14.30 25.02 20.95
N ASN A 178 14.77 26.19 20.53
CA ASN A 178 14.21 26.81 19.34
C ASN A 178 14.78 26.21 18.06
N THR A 179 16.05 25.83 18.06
CA THR A 179 16.63 25.22 16.87
C THR A 179 16.10 23.79 16.75
N ARG A 180 15.76 23.18 17.88
CA ARG A 180 15.21 21.83 17.87
C ARG A 180 13.82 21.91 17.21
N PHE A 181 13.07 22.95 17.57
CA PHE A 181 11.74 23.17 17.01
C PHE A 181 11.86 23.33 15.50
N LEU A 182 12.79 24.17 15.07
CA LEU A 182 13.00 24.39 13.64
C LEU A 182 13.37 23.08 12.93
N ALA A 183 14.19 22.26 13.58
CA ALA A 183 14.60 20.98 12.99
C ALA A 183 13.37 20.07 12.83
N ASN A 184 12.51 20.04 13.85
CA ASN A 184 11.31 19.23 13.81
C ASN A 184 10.33 19.69 12.74
N ILE A 185 10.31 20.99 12.46
CA ILE A 185 9.45 21.53 11.41
C ILE A 185 9.94 21.04 10.05
N CYS A 186 11.24 21.10 9.84
CA CYS A 186 11.84 20.66 8.58
C CYS A 186 11.67 19.16 8.34
N HIS A 187 11.84 18.37 9.39
CA HIS A 187 11.67 16.93 9.27
C HIS A 187 10.21 16.62 8.91
N ALA A 188 9.28 17.24 9.63
CA ALA A 188 7.86 17.01 9.37
C ALA A 188 7.49 17.38 7.93
N GLU A 189 7.97 18.52 7.45
CA GLU A 189 7.66 18.97 6.10
C GLU A 189 8.27 18.05 5.05
N ALA A 190 9.48 17.56 5.29
CA ALA A 190 10.13 16.66 4.35
C ALA A 190 9.28 15.38 4.21
N GLN A 191 8.86 14.82 5.33
CA GLN A 191 8.03 13.61 5.35
C GLN A 191 6.71 13.90 4.62
N GLU A 192 6.11 15.05 4.92
CA GLU A 192 4.86 15.45 4.29
C GLU A 192 4.99 15.50 2.77
N LEU A 193 6.06 16.08 2.26
CA LEU A 193 6.27 16.18 0.82
C LEU A 193 6.46 14.78 0.21
N PHE A 194 7.01 13.86 0.99
CA PHE A 194 7.24 12.49 0.51
C PHE A 194 5.88 11.82 0.27
N VAL A 195 4.96 12.03 1.21
CA VAL A 195 3.61 11.47 1.09
C VAL A 195 2.94 12.04 -0.16
N LEU A 196 2.97 13.37 -0.30
CA LEU A 196 2.36 14.03 -1.44
C LEU A 196 2.93 13.50 -2.75
N LYS A 197 4.22 13.16 -2.74
CA LYS A 197 4.87 12.64 -3.94
C LYS A 197 4.27 11.30 -4.38
N LEU A 198 4.16 10.36 -3.45
CA LEU A 198 3.62 9.05 -3.78
C LEU A 198 2.17 9.14 -4.26
N LEU A 199 1.45 10.14 -3.77
CA LEU A 199 0.05 10.34 -4.16
C LEU A 199 -0.04 10.89 -5.57
N ASN A 200 1.11 11.24 -6.16
CA ASN A 200 1.15 11.75 -7.52
C ASN A 200 1.53 10.61 -8.47
N ASP A 201 1.99 9.51 -7.89
CA ASP A 201 2.38 8.34 -8.67
C ASP A 201 1.18 7.42 -8.81
N GLN A 202 0.70 7.29 -10.04
CA GLN A 202 -0.47 6.45 -10.31
C GLN A 202 -0.35 5.05 -9.70
N ILE A 203 0.86 4.51 -9.67
CA ILE A 203 1.09 3.18 -9.12
C ILE A 203 1.11 3.17 -7.58
N SER A 204 1.96 4.01 -7.00
CA SER A 204 2.11 4.10 -5.55
C SER A 204 0.82 4.55 -4.85
N SER A 205 0.04 5.38 -5.53
CA SER A 205 -1.21 5.88 -4.95
C SER A 205 -2.23 4.77 -4.71
N LYS A 206 -1.86 3.54 -5.05
CA LYS A 206 -2.74 2.38 -4.88
C LYS A 206 -2.25 1.51 -3.72
N GLN A 207 -1.03 1.78 -3.25
CA GLN A 207 -0.45 1.02 -2.14
C GLN A 207 -1.00 1.55 -0.82
N TYR A 208 -2.29 1.33 -0.61
CA TYR A 208 -3.00 1.79 0.58
C TYR A 208 -2.20 1.65 1.87
N THR A 209 -1.69 0.46 2.12
CA THR A 209 -0.92 0.21 3.33
C THR A 209 0.27 1.17 3.47
N LEU A 210 1.00 1.39 2.38
CA LEU A 210 2.17 2.28 2.40
C LEU A 210 1.78 3.72 2.75
N ILE A 211 0.85 4.28 1.99
CA ILE A 211 0.40 5.65 2.23
C ILE A 211 -0.05 5.82 3.67
N SER A 212 -0.79 4.84 4.17
CA SER A 212 -1.28 4.88 5.55
C SER A 212 -0.14 5.00 6.57
N LYS A 213 0.89 4.17 6.41
CA LYS A 213 2.03 4.19 7.33
C LYS A 213 2.80 5.50 7.25
N LEU A 214 3.03 5.99 6.03
CA LEU A 214 3.76 7.23 5.82
C LEU A 214 2.98 8.42 6.36
N SER A 215 1.66 8.35 6.22
CA SER A 215 0.79 9.41 6.71
C SER A 215 0.82 9.45 8.23
N ARG A 216 0.85 8.28 8.85
CA ARG A 216 0.89 8.23 10.30
C ARG A 216 2.16 8.89 10.80
N ALA A 217 3.26 8.65 10.10
CA ALA A 217 4.54 9.23 10.49
C ALA A 217 4.48 10.76 10.38
N THR A 218 3.83 11.27 9.33
CA THR A 218 3.69 12.71 9.13
C THR A 218 2.96 13.31 10.33
N CYS A 219 1.91 12.62 10.77
CA CYS A 219 1.13 13.06 11.91
C CYS A 219 2.00 13.12 13.15
N ASN A 220 2.72 12.03 13.43
CA ASN A 220 3.57 11.98 14.61
C ASN A 220 4.62 13.10 14.62
N LEU A 221 5.18 13.39 13.45
CA LEU A 221 6.18 14.45 13.34
C LEU A 221 5.60 15.83 13.67
N PHE A 222 4.43 16.14 13.14
CA PHE A 222 3.81 17.43 13.45
C PHE A 222 3.36 17.45 14.91
N GLN A 223 3.14 16.27 15.48
CA GLN A 223 2.74 16.14 16.89
C GLN A 223 3.86 16.71 17.76
N LYS A 224 5.11 16.52 17.33
CA LYS A 224 6.28 17.02 18.06
C LYS A 224 6.29 18.54 18.12
N CYS A 225 5.98 19.17 16.99
CA CYS A 225 5.94 20.63 16.91
C CYS A 225 4.77 21.16 17.73
N HIS A 226 3.66 20.45 17.62
CA HIS A 226 2.44 20.80 18.36
C HIS A 226 2.77 20.82 19.86
N ASP A 227 3.37 19.73 20.34
CA ASP A 227 3.72 19.61 21.75
C ASP A 227 4.62 20.73 22.25
N PHE A 228 5.55 21.18 21.41
CA PHE A 228 6.46 22.24 21.82
C PHE A 228 5.74 23.57 21.96
N MET A 229 4.81 23.85 21.04
CA MET A 229 4.05 25.10 21.06
C MET A 229 2.91 25.09 22.07
N LYS A 230 2.62 23.92 22.64
CA LYS A 230 1.55 23.77 23.61
C LYS A 230 1.99 24.26 24.99
N GLU A 231 3.25 24.01 25.34
CA GLU A 231 3.79 24.42 26.62
C GLU A 231 3.67 25.95 26.77
N ILE A 232 3.41 26.62 25.65
CA ILE A 232 3.26 28.06 25.64
C ILE A 232 1.90 28.44 25.04
N ASP A 233 1.03 28.98 25.87
CA ASP A 233 -0.31 29.37 25.46
C ASP A 233 -0.41 30.79 24.88
N ASP A 234 0.67 31.55 24.99
CA ASP A 234 0.69 32.92 24.47
C ASP A 234 1.09 32.94 23.00
N ASP A 235 0.10 33.17 22.14
CA ASP A 235 0.33 33.22 20.70
C ASP A 235 1.43 34.21 20.33
N VAL A 236 1.51 35.30 21.09
CA VAL A 236 2.52 36.32 20.83
C VAL A 236 3.84 36.01 21.53
N ALA A 237 3.89 34.88 22.24
CA ALA A 237 5.10 34.49 22.95
C ALA A 237 5.84 33.33 22.28
N ILE A 238 5.16 32.62 21.40
CA ILE A 238 5.78 31.50 20.69
C ILE A 238 6.93 32.05 19.86
N TYR A 239 7.99 31.27 19.70
CA TYR A 239 9.18 31.69 18.96
C TYR A 239 9.05 32.24 17.52
N GLY A 240 8.53 31.44 16.61
CA GLY A 240 8.43 31.89 15.23
C GLY A 240 7.27 32.81 14.85
N GLU A 241 6.49 32.37 13.87
CA GLU A 241 5.32 33.11 13.41
C GLU A 241 4.09 32.59 14.12
N PRO A 242 3.25 33.49 14.64
CA PRO A 242 2.02 33.09 15.33
C PRO A 242 1.15 32.16 14.48
N LYS A 243 1.11 32.43 13.18
CA LYS A 243 0.31 31.64 12.24
C LYS A 243 0.66 30.16 12.19
N TRP A 244 1.89 29.80 12.51
CA TRP A 244 2.33 28.41 12.47
C TRP A 244 1.61 27.47 13.41
N LYS A 245 1.27 27.96 14.60
CA LYS A 245 0.61 27.11 15.58
C LYS A 245 -0.67 26.44 15.08
N THR A 246 -1.56 27.20 14.47
CA THR A 246 -2.81 26.64 13.98
C THR A 246 -2.63 25.67 12.83
N THR A 247 -1.67 25.94 11.96
CA THR A 247 -1.43 25.06 10.81
C THR A 247 -0.81 23.72 11.22
N VAL A 248 0.05 23.74 12.23
CA VAL A 248 0.67 22.52 12.71
C VAL A 248 -0.41 21.61 13.31
N THR A 249 -1.32 22.21 14.07
CA THR A 249 -2.40 21.46 14.68
C THR A 249 -3.33 20.87 13.62
N CYS A 250 -3.63 21.65 12.58
CA CYS A 250 -4.49 21.17 11.51
C CYS A 250 -3.84 19.96 10.83
N LYS A 251 -2.58 20.10 10.46
CA LYS A 251 -1.85 19.03 9.79
C LYS A 251 -1.79 17.73 10.60
N LEU A 252 -1.57 17.83 11.91
CA LEU A 252 -1.50 16.62 12.71
C LEU A 252 -2.81 15.82 12.66
N HIS A 253 -3.95 16.51 12.80
CA HIS A 253 -5.23 15.82 12.72
C HIS A 253 -5.52 15.36 11.28
N PHE A 254 -5.20 16.21 10.31
CA PHE A 254 -5.46 15.87 8.92
C PHE A 254 -4.71 14.62 8.45
N TYR A 255 -3.44 14.52 8.82
CA TYR A 255 -2.67 13.36 8.40
C TYR A 255 -3.05 12.10 9.18
N LYS A 256 -3.53 12.29 10.41
CA LYS A 256 -3.98 11.14 11.18
C LYS A 256 -5.23 10.61 10.47
N SER A 257 -6.06 11.52 9.99
CA SER A 257 -7.28 11.16 9.28
C SER A 257 -6.95 10.43 7.98
N LEU A 258 -6.00 10.97 7.23
CA LEU A 258 -5.58 10.38 5.96
C LEU A 258 -5.04 8.98 6.18
N SER A 259 -4.36 8.78 7.31
CA SER A 259 -3.78 7.48 7.65
C SER A 259 -4.88 6.44 7.89
N ALA A 260 -5.88 6.81 8.68
CA ALA A 260 -6.99 5.92 9.00
C ALA A 260 -7.78 5.59 7.72
N TYR A 261 -7.97 6.59 6.88
CA TYR A 261 -8.70 6.40 5.63
C TYR A 261 -8.04 5.32 4.78
N TYR A 262 -6.75 5.48 4.50
CA TYR A 262 -6.06 4.50 3.67
C TYR A 262 -5.98 3.12 4.31
N HIS A 263 -5.87 3.05 5.62
CA HIS A 263 -5.84 1.74 6.29
C HIS A 263 -7.21 1.08 6.11
N GLY A 264 -8.23 1.92 6.02
CA GLY A 264 -9.58 1.42 5.84
C GLY A 264 -9.74 0.85 4.44
N LEU A 265 -9.22 1.55 3.44
CA LEU A 265 -9.30 1.08 2.07
C LEU A 265 -8.58 -0.26 1.94
N HIS A 266 -7.60 -0.47 2.81
CA HIS A 266 -6.84 -1.72 2.82
C HIS A 266 -7.70 -2.82 3.44
N LEU A 267 -8.36 -2.51 4.55
CA LEU A 267 -9.22 -3.46 5.23
C LEU A 267 -10.33 -3.95 4.31
N GLU A 268 -10.85 -3.04 3.49
CA GLU A 268 -11.91 -3.40 2.54
C GLU A 268 -11.32 -4.31 1.48
N GLU A 269 -10.04 -4.10 1.18
CA GLU A 269 -9.33 -4.89 0.18
C GLU A 269 -9.12 -6.30 0.73
N GLU A 270 -9.07 -6.41 2.06
CA GLU A 270 -8.90 -7.70 2.73
C GLU A 270 -10.26 -8.27 3.13
N ASN A 271 -11.32 -7.72 2.55
CA ASN A 271 -12.68 -8.17 2.85
C ASN A 271 -12.98 -8.13 4.34
N ARG A 272 -12.42 -7.14 5.03
CA ARG A 272 -12.67 -7.00 6.46
C ARG A 272 -13.51 -5.76 6.73
N VAL A 273 -14.67 -5.71 6.07
CA VAL A 273 -15.59 -4.60 6.23
C VAL A 273 -16.05 -4.62 7.68
N GLY A 274 -16.63 -3.52 8.15
CA GLY A 274 -17.06 -3.49 9.53
C GLY A 274 -15.88 -3.05 10.36
N GLU A 275 -14.74 -3.69 10.10
CA GLU A 275 -13.51 -3.34 10.78
C GLU A 275 -13.03 -2.10 10.04
N ALA A 276 -13.23 -2.13 8.72
CA ALA A 276 -12.87 -1.02 7.85
C ALA A 276 -13.79 0.15 8.14
N ILE A 277 -15.06 -0.15 8.37
CA ILE A 277 -16.05 0.88 8.67
C ILE A 277 -15.65 1.59 9.96
N ALA A 278 -15.09 0.84 10.90
CA ALA A 278 -14.67 1.41 12.17
C ALA A 278 -13.53 2.42 11.96
N PHE A 279 -12.64 2.12 11.00
CA PHE A 279 -11.53 3.02 10.71
C PHE A 279 -11.94 4.23 9.90
N LEU A 280 -12.97 4.07 9.06
CA LEU A 280 -13.44 5.21 8.27
C LEU A 280 -14.15 6.14 9.25
N ASP A 281 -14.72 5.53 10.28
CA ASP A 281 -15.42 6.25 11.34
C ASP A 281 -14.37 7.13 12.03
N PHE A 282 -13.27 6.51 12.43
CA PHE A 282 -12.18 7.22 13.10
C PHE A 282 -11.60 8.32 12.22
N SER A 283 -11.45 8.01 10.93
CA SER A 283 -10.92 8.97 9.97
C SER A 283 -11.77 10.24 9.95
N MET A 284 -13.08 10.07 9.87
CA MET A 284 -14.01 11.20 9.84
C MET A 284 -13.85 12.06 11.09
N GLN A 285 -13.70 11.40 12.24
CA GLN A 285 -13.54 12.09 13.52
C GLN A 285 -12.34 13.04 13.43
N GLN A 286 -11.19 12.49 13.06
CA GLN A 286 -9.96 13.26 12.94
C GLN A 286 -10.07 14.40 11.94
N LEU A 287 -10.71 14.16 10.80
CA LEU A 287 -10.86 15.21 9.81
C LEU A 287 -11.68 16.36 10.41
N ILE A 288 -12.74 16.02 11.14
CA ILE A 288 -13.56 17.05 11.76
C ILE A 288 -12.73 17.81 12.80
N SER A 289 -11.89 17.10 13.55
CA SER A 289 -11.03 17.72 14.56
C SER A 289 -10.08 18.76 13.97
N SER A 290 -9.71 18.59 12.70
CA SER A 290 -8.77 19.51 12.05
C SER A 290 -9.42 20.79 11.53
N LEU A 291 -10.72 20.71 11.27
CA LEU A 291 -11.48 21.82 10.71
C LEU A 291 -11.33 23.18 11.40
N PRO A 292 -11.41 23.22 12.73
CA PRO A 292 -11.28 24.51 13.41
C PRO A 292 -9.90 25.16 13.23
N PHE A 293 -8.93 24.40 12.71
CA PHE A 293 -7.58 24.95 12.51
C PHE A 293 -7.15 25.06 11.06
N LYS A 294 -8.10 24.88 10.14
CA LYS A 294 -7.82 24.93 8.70
C LYS A 294 -7.61 26.31 8.10
N THR A 295 -7.83 27.34 8.89
CA THR A 295 -7.71 28.73 8.44
C THR A 295 -6.77 29.07 7.27
N TRP A 296 -5.49 28.75 7.39
CA TRP A 296 -4.54 29.10 6.32
C TRP A 296 -4.36 28.08 5.19
N LEU A 297 -4.99 26.92 5.33
CA LEU A 297 -4.85 25.86 4.33
C LEU A 297 -6.03 25.65 3.40
N VAL A 298 -7.12 26.39 3.62
CA VAL A 298 -8.32 26.22 2.79
C VAL A 298 -8.04 26.24 1.29
N GLU A 299 -7.00 26.95 0.87
CA GLU A 299 -6.68 27.01 -0.55
C GLU A 299 -5.65 25.97 -0.97
N PHE A 300 -5.17 25.18 -0.01
CA PHE A 300 -4.17 24.15 -0.30
C PHE A 300 -4.73 22.72 -0.18
N ILE A 301 -5.72 22.55 0.68
CA ILE A 301 -6.37 21.26 0.89
C ILE A 301 -7.87 21.36 0.70
N ASP A 302 -8.44 20.53 -0.18
CA ASP A 302 -9.87 20.54 -0.43
C ASP A 302 -10.60 19.79 0.69
N PHE A 303 -10.69 20.43 1.86
CA PHE A 303 -11.35 19.82 3.01
C PHE A 303 -12.76 19.30 2.77
N ASP A 304 -13.60 20.08 2.08
CA ASP A 304 -14.97 19.66 1.82
C ASP A 304 -15.04 18.47 0.86
N GLY A 305 -14.15 18.44 -0.12
CA GLY A 305 -14.13 17.34 -1.07
C GLY A 305 -13.71 16.03 -0.42
N PHE A 306 -12.80 16.10 0.54
CA PHE A 306 -12.34 14.90 1.23
C PHE A 306 -13.43 14.39 2.17
N LYS A 307 -14.18 15.31 2.77
CA LYS A 307 -15.25 14.91 3.68
C LYS A 307 -16.27 14.09 2.88
N GLU A 308 -16.53 14.51 1.65
CA GLU A 308 -17.47 13.82 0.78
C GLU A 308 -16.93 12.44 0.40
N THR A 309 -15.64 12.38 0.10
CA THR A 309 -15.01 11.13 -0.28
C THR A 309 -15.17 10.09 0.83
N LEU A 310 -15.00 10.51 2.08
CA LEU A 310 -15.12 9.61 3.21
C LEU A 310 -16.55 9.12 3.39
N GLU A 311 -17.49 10.07 3.44
CA GLU A 311 -18.89 9.73 3.62
C GLU A 311 -19.36 8.80 2.52
N LYS A 312 -18.97 9.11 1.29
CA LYS A 312 -19.35 8.31 0.14
C LYS A 312 -18.90 6.87 0.34
N LYS A 313 -17.64 6.67 0.71
CA LYS A 313 -17.11 5.34 0.94
C LYS A 313 -17.77 4.72 2.17
N GLN A 314 -17.97 5.53 3.19
CA GLN A 314 -18.59 5.08 4.43
C GLN A 314 -19.98 4.48 4.14
N LYS A 315 -20.69 5.08 3.19
CA LYS A 315 -22.02 4.61 2.81
C LYS A 315 -21.96 3.19 2.24
N GLU A 316 -21.23 3.05 1.14
CA GLU A 316 -21.07 1.77 0.45
C GLU A 316 -20.78 0.62 1.41
N LEU A 317 -19.78 0.80 2.26
CA LEU A 317 -19.42 -0.22 3.24
C LEU A 317 -20.59 -0.58 4.15
N ILE A 318 -21.31 0.44 4.59
CA ILE A 318 -22.46 0.24 5.46
C ILE A 318 -23.60 -0.50 4.77
N LYS A 319 -23.94 -0.09 3.55
CA LYS A 319 -25.01 -0.72 2.81
C LYS A 319 -24.73 -2.21 2.63
N ASP A 320 -23.64 -2.52 1.93
CA ASP A 320 -23.25 -3.91 1.68
C ASP A 320 -22.69 -4.53 2.94
N ASN A 321 -23.46 -4.49 4.03
CA ASN A 321 -23.02 -5.07 5.29
C ASN A 321 -24.15 -5.23 6.29
N ASP A 322 -25.08 -4.27 6.30
CA ASP A 322 -26.22 -4.33 7.21
C ASP A 322 -27.16 -5.46 6.83
N PHE A 323 -27.09 -5.89 5.58
CA PHE A 323 -27.96 -6.96 5.09
C PHE A 323 -27.28 -7.86 4.06
N ILE A 324 -25.96 -7.93 4.11
CA ILE A 324 -25.20 -8.76 3.18
C ILE A 324 -23.95 -9.34 3.83
N TYR A 325 -23.25 -8.51 4.61
CA TYR A 325 -22.05 -8.95 5.31
C TYR A 325 -22.16 -8.61 6.80
N HIS A 326 -23.14 -9.21 7.46
CA HIS A 326 -23.36 -8.95 8.89
C HIS A 326 -22.09 -9.15 9.72
N GLU A 327 -21.40 -8.05 9.99
CA GLU A 327 -20.18 -8.07 10.79
C GLU A 327 -20.22 -6.94 11.82
N SER A 328 -19.68 -7.21 13.00
CA SER A 328 -19.67 -6.20 14.05
C SER A 328 -18.68 -5.10 13.72
N VAL A 329 -18.83 -3.96 14.40
CA VAL A 329 -17.95 -2.82 14.19
C VAL A 329 -17.30 -2.45 15.52
N PRO A 330 -15.99 -2.71 15.65
CA PRO A 330 -15.26 -2.40 16.89
C PRO A 330 -15.58 -0.99 17.40
N ALA A 331 -15.77 -0.88 18.71
CA ALA A 331 -16.07 0.40 19.34
C ALA A 331 -14.98 1.42 19.02
N VAL A 332 -13.79 1.16 19.55
CA VAL A 332 -12.64 2.04 19.32
C VAL A 332 -11.52 1.22 18.69
N VAL A 333 -11.28 1.45 17.41
CA VAL A 333 -10.24 0.74 16.68
C VAL A 333 -8.89 0.90 17.36
N GLN A 334 -7.97 0.01 17.04
CA GLN A 334 -6.62 0.07 17.61
C GLN A 334 -5.83 1.14 16.87
N VAL A 335 -5.51 2.24 17.55
CA VAL A 335 -4.76 3.32 16.94
C VAL A 335 -3.35 2.86 16.56
N ASP A 336 -2.72 2.10 17.45
CA ASP A 336 -1.37 1.60 17.20
C ASP A 336 -1.40 0.43 16.22
N SER A 337 -2.54 0.25 15.56
CA SER A 337 -2.68 -0.82 14.57
C SER A 337 -1.94 -0.37 13.32
N ILE A 338 -1.81 0.95 13.16
CA ILE A 338 -1.11 1.53 12.02
C ILE A 338 0.31 1.83 12.47
N LYS A 339 1.28 1.18 11.85
CA LYS A 339 2.69 1.35 12.19
C LYS A 339 3.37 2.40 11.33
N ALA A 340 3.66 3.55 11.93
CA ALA A 340 4.30 4.68 11.25
C ALA A 340 5.61 4.34 10.55
N LEU A 341 5.83 4.96 9.39
CA LEU A 341 7.05 4.76 8.62
C LEU A 341 7.70 6.10 8.29
N ASP A 342 8.82 6.39 8.95
CA ASP A 342 9.58 7.63 8.75
C ASP A 342 10.51 7.43 7.54
N ALA A 343 10.27 8.16 6.46
CA ALA A 343 11.08 8.01 5.25
C ALA A 343 12.27 8.96 5.10
N ILE A 344 12.47 9.83 6.08
CA ILE A 344 13.56 10.80 6.00
C ILE A 344 14.81 10.42 6.81
N LYS A 345 15.90 10.21 6.09
CA LYS A 345 17.18 9.86 6.71
C LYS A 345 18.09 11.07 6.57
N SER A 346 18.33 11.76 7.68
CA SER A 346 19.18 12.95 7.64
C SER A 346 20.66 12.65 7.72
N PRO A 347 21.45 13.31 6.85
CA PRO A 347 22.90 13.13 6.83
C PRO A 347 23.47 13.96 7.96
N THR A 348 24.74 13.80 8.28
CA THR A 348 25.31 14.60 9.36
C THR A 348 25.70 15.97 8.80
N TRP A 349 25.74 17.00 9.65
CA TRP A 349 26.15 18.33 9.23
C TRP A 349 27.58 18.19 8.72
N GLU A 350 28.35 17.34 9.39
CA GLU A 350 29.74 17.08 9.03
C GLU A 350 29.87 16.64 7.57
N LYS A 351 28.97 15.78 7.12
CA LYS A 351 28.99 15.29 5.74
C LYS A 351 28.51 16.34 4.74
N ILE A 352 27.63 17.23 5.17
CA ILE A 352 27.13 18.29 4.29
C ILE A 352 28.26 19.30 4.06
N LEU A 353 29.01 19.59 5.12
CA LEU A 353 30.10 20.58 5.05
C LEU A 353 31.37 20.06 4.36
N GLU A 354 31.67 18.79 4.61
CA GLU A 354 32.88 18.16 4.08
C GLU A 354 33.34 18.50 2.67
N PRO A 355 32.46 18.45 1.66
CA PRO A 355 32.88 18.77 0.29
C PRO A 355 33.50 20.16 0.09
N TYR A 356 33.25 21.08 1.01
CA TYR A 356 33.79 22.44 0.91
C TYR A 356 35.09 22.71 1.65
N MET A 357 35.45 21.83 2.58
CA MET A 357 36.64 22.01 3.40
C MET A 357 38.02 22.05 2.70
N GLN A 358 38.26 21.13 1.77
CA GLN A 358 39.54 21.08 1.05
C GLN A 358 39.99 22.38 0.36
N ASP A 359 39.19 22.88 -0.57
CA ASP A 359 39.55 24.09 -1.31
C ASP A 359 39.81 25.31 -0.41
N VAL A 360 39.03 25.43 0.66
CA VAL A 360 39.18 26.55 1.58
C VAL A 360 40.49 26.46 2.38
N ALA A 361 40.85 25.27 2.82
CA ALA A 361 42.08 25.09 3.58
C ALA A 361 43.30 25.48 2.75
N ASN A 362 43.27 25.17 1.46
CA ASN A 362 44.39 25.49 0.60
C ASN A 362 44.49 26.98 0.31
N LYS A 363 43.36 27.59 0.01
CA LYS A 363 43.31 29.02 -0.31
C LYS A 363 43.75 29.92 0.84
N TYR A 364 43.38 29.56 2.07
CA TYR A 364 43.70 30.41 3.23
C TYR A 364 44.85 29.98 4.14
N ASP A 365 45.63 28.99 3.74
CA ASP A 365 46.73 28.52 4.56
C ASP A 365 47.71 29.63 4.99
N SER A 366 48.10 30.50 4.05
CA SER A 366 49.03 31.58 4.35
C SER A 366 48.42 32.58 5.33
N LEU A 367 47.14 32.86 5.16
CA LEU A 367 46.45 33.78 6.05
C LEU A 367 46.48 33.21 7.47
N TYR A 368 46.11 31.93 7.60
CA TYR A 368 46.09 31.25 8.90
C TYR A 368 47.47 31.28 9.57
N ARG A 369 48.49 30.84 8.84
CA ARG A 369 49.85 30.82 9.38
C ARG A 369 50.29 32.15 9.96
N GLY A 370 49.87 33.24 9.32
CA GLY A 370 50.23 34.56 9.80
C GLY A 370 49.65 34.90 11.16
N ILE A 371 48.55 34.25 11.54
CA ILE A 371 47.91 34.51 12.83
C ILE A 371 48.53 33.67 13.94
N ILE A 372 48.12 32.41 14.01
CA ILE A 372 48.59 31.47 15.03
C ILE A 372 49.29 32.13 16.22
N MET B 6 -31.00 -26.48 3.44
CA MET B 6 -30.32 -27.21 2.38
C MET B 6 -28.83 -27.40 2.69
N LYS B 7 -28.29 -28.52 2.24
CA LYS B 7 -26.88 -28.83 2.45
C LYS B 7 -26.11 -28.55 1.18
N PRO B 8 -24.98 -27.84 1.27
CA PRO B 8 -24.18 -27.50 0.10
C PRO B 8 -23.51 -28.70 -0.56
N TYR B 9 -23.57 -28.74 -1.89
CA TYR B 9 -22.97 -29.81 -2.67
C TYR B 9 -21.85 -29.19 -3.50
N LEU B 10 -20.60 -29.44 -3.12
CA LEU B 10 -19.45 -28.90 -3.83
C LEU B 10 -18.68 -29.95 -4.62
N PHE B 11 -18.34 -29.62 -5.86
CA PHE B 11 -17.59 -30.54 -6.71
C PHE B 11 -16.18 -30.68 -6.14
N ASP B 12 -15.68 -31.91 -6.12
CA ASP B 12 -14.35 -32.17 -5.61
C ASP B 12 -13.36 -32.15 -6.77
N LEU B 13 -12.54 -31.11 -6.82
CA LEU B 13 -11.55 -30.98 -7.88
C LEU B 13 -10.30 -31.81 -7.58
N LYS B 14 -9.58 -32.19 -8.62
CA LYS B 14 -8.38 -33.01 -8.47
C LYS B 14 -7.08 -32.24 -8.67
N LEU B 15 -6.08 -32.56 -7.85
CA LEU B 15 -4.78 -31.93 -7.95
C LEU B 15 -3.96 -32.62 -9.05
N LYS B 16 -2.94 -31.93 -9.55
CA LYS B 16 -2.05 -32.52 -10.54
C LYS B 16 -0.84 -33.03 -9.76
N ASP B 17 -0.47 -34.29 -9.99
CA ASP B 17 0.69 -34.86 -9.30
C ASP B 17 1.96 -34.46 -10.05
N THR B 18 3.09 -34.44 -9.36
CA THR B 18 4.38 -34.10 -9.97
C THR B 18 5.48 -35.03 -9.50
N GLU B 19 6.51 -35.21 -10.31
CA GLU B 19 7.62 -36.06 -9.89
C GLU B 19 8.54 -35.24 -8.99
N LYS B 20 9.20 -35.91 -8.05
CA LYS B 20 10.13 -35.22 -7.16
C LYS B 20 11.21 -34.57 -8.04
N LEU B 21 11.46 -33.28 -7.82
CA LEU B 21 12.49 -32.56 -8.60
C LEU B 21 13.66 -32.23 -7.67
N ASP B 22 14.88 -32.49 -8.10
CA ASP B 22 16.04 -32.18 -7.25
C ASP B 22 16.65 -30.83 -7.63
N TRP B 23 16.20 -29.77 -6.97
CA TRP B 23 16.71 -28.42 -7.26
C TRP B 23 18.21 -28.29 -6.98
N LYS B 24 18.70 -28.98 -5.95
CA LYS B 24 20.12 -28.92 -5.61
C LYS B 24 20.99 -29.45 -6.74
N LYS B 25 20.72 -30.68 -7.17
CA LYS B 25 21.48 -31.27 -8.27
C LYS B 25 21.24 -30.54 -9.59
N GLY B 26 20.00 -30.13 -9.83
CA GLY B 26 19.70 -29.42 -11.06
C GLY B 26 20.40 -28.09 -11.18
N LEU B 27 20.40 -27.32 -10.10
CA LEU B 27 21.05 -26.02 -10.11
C LEU B 27 22.57 -26.12 -10.13
N SER B 28 23.13 -26.97 -9.28
CA SER B 28 24.59 -27.11 -9.25
C SER B 28 25.08 -27.62 -10.60
N SER B 29 24.32 -28.53 -11.21
CA SER B 29 24.69 -29.08 -12.50
C SER B 29 24.80 -27.95 -13.53
N TYR B 30 23.86 -27.03 -13.51
CA TYR B 30 23.85 -25.90 -14.42
C TYR B 30 25.07 -24.99 -14.24
N LEU B 31 25.35 -24.64 -12.98
CA LEU B 31 26.49 -23.79 -12.66
C LEU B 31 27.79 -24.52 -13.00
N LYS B 32 27.78 -25.83 -12.81
CA LYS B 32 28.94 -26.66 -13.07
C LYS B 32 29.39 -26.58 -14.52
N LYS B 33 28.45 -26.69 -15.45
CA LYS B 33 28.77 -26.64 -16.87
C LYS B 33 28.89 -25.21 -17.38
N SER B 34 28.49 -24.25 -16.54
CA SER B 34 28.57 -22.85 -16.94
C SER B 34 29.88 -22.18 -16.59
N TYR B 35 30.44 -22.50 -15.41
CA TYR B 35 31.69 -21.87 -14.99
C TYR B 35 32.87 -22.84 -14.86
N GLY B 36 32.57 -24.12 -14.61
CA GLY B 36 33.64 -25.09 -14.47
C GLY B 36 33.79 -25.50 -13.02
N SER B 37 34.36 -26.70 -12.81
CA SER B 37 34.56 -27.25 -11.49
C SER B 37 35.05 -26.25 -10.42
N SER B 38 36.27 -25.76 -10.61
CA SER B 38 36.89 -24.82 -9.67
C SER B 38 36.30 -23.41 -9.64
N GLN B 39 35.22 -23.19 -10.37
CA GLN B 39 34.61 -21.87 -10.42
C GLN B 39 33.15 -21.82 -9.93
N TRP B 40 32.40 -22.86 -10.23
CA TRP B 40 30.98 -22.96 -9.87
C TRP B 40 30.54 -22.60 -8.44
N ARG B 41 31.18 -23.21 -7.44
CA ARG B 41 30.79 -22.96 -6.04
C ARG B 41 30.63 -21.51 -5.61
N THR B 42 31.37 -20.61 -6.23
CA THR B 42 31.28 -19.19 -5.89
C THR B 42 29.90 -18.65 -6.20
N PHE B 43 29.21 -19.26 -7.15
CA PHE B 43 27.90 -18.81 -7.57
C PHE B 43 26.73 -19.61 -6.98
N TYR B 44 27.05 -20.57 -6.11
CA TYR B 44 26.05 -21.44 -5.49
C TYR B 44 25.73 -21.09 -4.04
N ASP B 45 24.44 -21.00 -3.72
CA ASP B 45 24.01 -20.71 -2.35
C ASP B 45 23.43 -22.03 -1.84
N GLU B 46 24.27 -22.81 -1.17
CA GLU B 46 23.88 -24.12 -0.67
C GLU B 46 22.67 -24.08 0.27
N LYS B 47 22.69 -23.19 1.25
CA LYS B 47 21.58 -23.10 2.20
C LYS B 47 20.25 -22.76 1.53
N ALA B 48 20.23 -21.69 0.74
CA ALA B 48 19.01 -21.27 0.06
C ALA B 48 18.50 -22.32 -0.93
N THR B 49 19.41 -22.95 -1.67
CA THR B 49 19.01 -23.96 -2.64
C THR B 49 18.45 -25.19 -1.92
N SER B 50 18.96 -25.48 -0.73
CA SER B 50 18.48 -26.62 0.05
C SER B 50 17.07 -26.36 0.57
N GLU B 51 16.81 -25.12 0.98
CA GLU B 51 15.50 -24.75 1.50
C GLU B 51 14.48 -24.73 0.36
N LEU B 52 14.91 -24.28 -0.81
CA LEU B 52 14.07 -24.24 -2.00
C LEU B 52 13.63 -25.64 -2.42
N ASP B 53 14.57 -26.59 -2.39
CA ASP B 53 14.27 -27.96 -2.76
C ASP B 53 13.22 -28.54 -1.80
N HIS B 54 13.36 -28.18 -0.53
CA HIS B 54 12.44 -28.64 0.51
C HIS B 54 11.07 -27.98 0.30
N LEU B 55 11.08 -26.69 -0.05
CA LEU B 55 9.84 -25.96 -0.29
C LEU B 55 9.00 -26.59 -1.41
N ARG B 56 9.62 -26.96 -2.53
CA ARG B 56 8.85 -27.57 -3.62
C ARG B 56 8.23 -28.88 -3.15
N ASN B 57 9.00 -29.68 -2.41
CA ASN B 57 8.47 -30.94 -1.90
C ASN B 57 7.25 -30.68 -1.02
N ASN B 58 7.36 -29.71 -0.13
CA ASN B 58 6.26 -29.39 0.78
C ASN B 58 5.04 -28.81 0.07
N ALA B 59 5.22 -28.36 -1.17
CA ALA B 59 4.10 -27.81 -1.91
C ALA B 59 3.37 -28.96 -2.59
N ASN B 60 3.93 -30.16 -2.47
CA ASN B 60 3.33 -31.31 -3.12
C ASN B 60 3.23 -32.56 -2.25
N GLY B 61 3.08 -32.35 -0.95
CA GLY B 61 2.99 -33.47 -0.03
C GLY B 61 1.71 -33.57 0.79
N GLU B 62 1.84 -34.15 1.99
CA GLU B 62 0.71 -34.39 2.90
C GLU B 62 0.23 -33.25 3.81
N LEU B 63 0.75 -32.04 3.64
CA LEU B 63 0.32 -30.92 4.49
C LEU B 63 -1.19 -30.64 4.42
N ALA B 64 -1.74 -30.06 5.49
CA ALA B 64 -3.16 -29.72 5.52
C ALA B 64 -3.37 -28.59 4.50
N PRO B 65 -4.61 -28.44 4.01
CA PRO B 65 -4.95 -27.41 3.01
C PRO B 65 -4.34 -26.01 3.11
N SER B 66 -4.58 -25.31 4.21
CA SER B 66 -4.05 -23.95 4.33
C SER B 66 -2.53 -23.90 4.34
N SER B 67 -1.90 -24.88 4.99
CA SER B 67 -0.45 -24.94 5.06
C SER B 67 0.08 -25.35 3.67
N LEU B 68 -0.62 -26.26 3.01
CA LEU B 68 -0.23 -26.73 1.66
C LEU B 68 -0.26 -25.52 0.71
N SER B 69 -1.34 -24.74 0.81
CA SER B 69 -1.52 -23.53 0.01
C SER B 69 -0.34 -22.56 0.18
N GLU B 70 -0.03 -22.26 1.44
CA GLU B 70 1.07 -21.37 1.78
C GLU B 70 2.37 -21.76 1.09
N GLN B 71 2.71 -23.05 1.08
CA GLN B 71 3.94 -23.50 0.44
C GLN B 71 3.91 -23.22 -1.06
N ASN B 72 2.77 -23.49 -1.68
CA ASN B 72 2.60 -23.26 -3.12
C ASN B 72 2.68 -21.78 -3.50
N LEU B 73 2.12 -20.91 -2.67
CA LEU B 73 2.17 -19.47 -2.95
C LEU B 73 3.61 -18.96 -2.81
N LYS B 74 4.34 -19.49 -1.83
CA LYS B 74 5.72 -19.07 -1.65
C LYS B 74 6.58 -19.60 -2.80
N TYR B 75 6.30 -20.83 -3.22
CA TYR B 75 7.09 -21.40 -4.33
C TYR B 75 6.78 -20.64 -5.63
N TYR B 76 5.52 -20.28 -5.83
CA TYR B 76 5.18 -19.53 -7.05
C TYR B 76 5.95 -18.20 -7.03
N SER B 77 6.03 -17.57 -5.85
CA SER B 77 6.75 -16.29 -5.74
C SER B 77 8.21 -16.44 -6.16
N PHE B 78 8.83 -17.55 -5.77
CA PHE B 78 10.21 -17.81 -6.14
C PHE B 78 10.31 -17.86 -7.67
N LEU B 79 9.37 -18.61 -8.25
CA LEU B 79 9.29 -18.78 -9.70
C LEU B 79 9.08 -17.46 -10.44
N GLU B 80 8.21 -16.62 -9.88
CA GLU B 80 7.90 -15.34 -10.52
C GLU B 80 9.10 -14.40 -10.55
N HIS B 81 9.83 -14.33 -9.45
CA HIS B 81 11.01 -13.47 -9.40
C HIS B 81 12.08 -13.99 -10.33
N LEU B 82 12.24 -15.31 -10.38
CA LEU B 82 13.21 -15.95 -11.25
C LEU B 82 12.86 -15.57 -12.69
N TYR B 83 11.57 -15.59 -13.00
CA TYR B 83 11.11 -15.24 -14.34
C TYR B 83 11.40 -13.77 -14.67
N PHE B 84 11.21 -12.88 -13.68
CA PHE B 84 11.48 -11.46 -13.89
C PHE B 84 12.95 -11.24 -14.28
N ARG B 85 13.83 -12.09 -13.76
CA ARG B 85 15.26 -11.97 -14.03
C ARG B 85 15.79 -12.78 -15.21
N LEU B 86 15.22 -13.96 -15.46
CA LEU B 86 15.69 -14.79 -16.57
C LEU B 86 14.82 -14.74 -17.82
N GLY B 87 13.51 -14.58 -17.64
CA GLY B 87 12.61 -14.54 -18.78
C GLY B 87 12.61 -15.85 -19.55
N SER B 88 12.51 -15.74 -20.88
CA SER B 88 12.50 -16.93 -21.73
C SER B 88 13.81 -17.70 -21.61
N LYS B 89 14.84 -17.06 -21.09
CA LYS B 89 16.14 -17.71 -20.93
C LYS B 89 16.11 -18.65 -19.73
N GLY B 90 15.00 -18.63 -19.00
CA GLY B 90 14.86 -19.48 -17.83
C GLY B 90 14.93 -20.96 -18.17
N SER B 91 14.60 -21.31 -19.40
CA SER B 91 14.64 -22.70 -19.83
C SER B 91 16.07 -23.19 -19.99
N ARG B 92 17.04 -22.29 -19.82
CA ARG B 92 18.45 -22.66 -19.93
C ARG B 92 18.88 -23.53 -18.76
N LEU B 93 18.19 -23.37 -17.63
CA LEU B 93 18.51 -24.16 -16.43
C LEU B 93 18.21 -25.62 -16.71
N LYS B 94 17.37 -25.85 -17.72
CA LYS B 94 16.96 -27.19 -18.11
C LYS B 94 16.51 -28.08 -16.96
N MET B 95 15.64 -27.53 -16.12
CA MET B 95 15.09 -28.28 -15.00
C MET B 95 14.03 -29.20 -15.57
N ASP B 96 14.04 -30.47 -15.16
CA ASP B 96 13.06 -31.43 -15.66
C ASP B 96 11.72 -31.37 -14.95
N PHE B 97 11.03 -30.24 -15.08
CA PHE B 97 9.71 -30.04 -14.48
C PHE B 97 8.78 -31.08 -15.09
N THR B 98 8.26 -31.99 -14.27
CA THR B 98 7.39 -33.06 -14.75
C THR B 98 6.06 -33.14 -14.02
N TRP B 99 4.98 -33.02 -14.77
CA TRP B 99 3.63 -33.05 -14.19
C TRP B 99 2.65 -34.01 -14.84
N TYR B 100 1.81 -34.61 -14.01
CA TYR B 100 0.78 -35.55 -14.47
C TYR B 100 -0.56 -34.84 -14.63
N ASP B 101 -1.39 -35.32 -15.57
CA ASP B 101 -2.72 -34.76 -15.75
C ASP B 101 -3.54 -35.15 -14.53
N ALA B 102 -4.47 -34.28 -14.12
CA ALA B 102 -5.34 -34.57 -12.97
C ALA B 102 -6.13 -35.85 -13.27
N GLU B 103 -6.25 -36.74 -12.28
CA GLU B 103 -6.95 -37.99 -12.52
C GLU B 103 -8.42 -38.05 -12.12
N TYR B 104 -9.29 -37.62 -13.02
CA TYR B 104 -10.73 -37.67 -12.77
C TYR B 104 -11.17 -39.06 -13.24
N SER B 105 -12.31 -39.11 -13.89
CA SER B 105 -12.84 -40.35 -14.44
C SER B 105 -12.76 -40.18 -15.95
N SER B 106 -12.71 -41.29 -16.68
CA SER B 106 -12.62 -41.23 -18.13
C SER B 106 -11.45 -40.32 -18.54
N ALA B 107 -10.38 -40.36 -17.74
CA ALA B 107 -9.19 -39.56 -18.01
C ALA B 107 -7.97 -40.48 -18.12
N GLN B 108 -7.00 -40.08 -18.95
CA GLN B 108 -5.78 -40.87 -19.17
C GLN B 108 -4.92 -41.00 -17.92
N LYS B 109 -5.08 -42.12 -17.23
CA LYS B 109 -4.34 -42.41 -16.00
C LYS B 109 -2.84 -42.41 -16.26
N GLY B 110 -2.09 -41.69 -15.43
CA GLY B 110 -0.64 -41.64 -15.57
C GLY B 110 -0.08 -40.93 -16.79
N LEU B 111 -0.81 -39.98 -17.34
CA LEU B 111 -0.32 -39.23 -18.50
C LEU B 111 0.49 -38.03 -18.00
N LYS B 112 1.79 -38.00 -18.32
CA LYS B 112 2.65 -36.90 -17.86
C LYS B 112 3.48 -36.23 -18.96
N TYR B 113 3.97 -35.04 -18.65
CA TYR B 113 4.79 -34.27 -19.58
C TYR B 113 5.96 -33.63 -18.84
N THR B 114 7.07 -33.46 -19.56
CA THR B 114 8.26 -32.82 -19.01
C THR B 114 8.58 -31.64 -19.93
N GLN B 115 8.74 -30.45 -19.35
CA GLN B 115 9.05 -29.24 -20.11
C GLN B 115 9.95 -28.31 -19.28
N HIS B 116 10.92 -27.67 -19.91
CA HIS B 116 11.87 -26.80 -19.21
C HIS B 116 11.46 -25.36 -18.92
N THR B 117 10.49 -24.84 -19.65
CA THR B 117 10.07 -23.45 -19.45
C THR B 117 9.48 -23.17 -18.08
N LEU B 118 9.78 -22.00 -17.54
CA LEU B 118 9.27 -21.60 -16.24
C LEU B 118 7.74 -21.50 -16.27
N ALA B 119 7.19 -21.18 -17.44
CA ALA B 119 5.74 -21.07 -17.58
C ALA B 119 5.03 -22.41 -17.27
N PHE B 120 5.63 -23.53 -17.63
CA PHE B 120 5.02 -24.84 -17.36
C PHE B 120 4.96 -25.09 -15.85
N GLU B 121 6.09 -24.89 -15.18
CA GLU B 121 6.17 -25.08 -13.73
C GLU B 121 5.22 -24.10 -13.00
N LYS B 122 5.21 -22.84 -13.43
CA LYS B 122 4.32 -21.86 -12.82
C LYS B 122 2.86 -22.20 -13.07
N SER B 123 2.51 -22.50 -14.32
CA SER B 123 1.11 -22.79 -14.66
C SER B 123 0.55 -23.97 -13.87
N CYS B 124 1.30 -25.05 -13.74
CA CYS B 124 0.81 -26.20 -13.00
C CYS B 124 0.70 -25.91 -11.49
N THR B 125 1.68 -25.19 -10.95
CA THR B 125 1.66 -24.84 -9.54
C THR B 125 0.42 -23.99 -9.26
N LEU B 126 0.12 -23.03 -10.14
CA LEU B 126 -1.06 -22.18 -9.94
C LEU B 126 -2.36 -22.96 -10.08
N PHE B 127 -2.37 -23.97 -10.95
CA PHE B 127 -3.55 -24.80 -11.11
C PHE B 127 -3.84 -25.44 -9.74
N ASN B 128 -2.81 -25.98 -9.11
CA ASN B 128 -2.99 -26.61 -7.80
C ASN B 128 -3.36 -25.57 -6.74
N ILE B 129 -2.77 -24.37 -6.83
CA ILE B 129 -3.12 -23.32 -5.88
C ILE B 129 -4.63 -23.11 -5.97
N ALA B 130 -5.14 -23.06 -7.20
CA ALA B 130 -6.58 -22.88 -7.43
C ALA B 130 -7.38 -24.02 -6.79
N VAL B 131 -6.94 -25.25 -7.05
CA VAL B 131 -7.63 -26.40 -6.48
C VAL B 131 -7.61 -26.39 -4.96
N ILE B 132 -6.48 -26.03 -4.39
CA ILE B 132 -6.36 -25.99 -2.94
C ILE B 132 -7.31 -24.97 -2.29
N PHE B 133 -7.48 -23.80 -2.91
CA PHE B 133 -8.40 -22.81 -2.36
C PHE B 133 -9.79 -23.44 -2.27
N THR B 134 -10.07 -24.29 -3.26
CA THR B 134 -11.32 -25.00 -3.38
C THR B 134 -11.45 -26.03 -2.24
N GLN B 135 -10.32 -26.62 -1.85
CA GLN B 135 -10.31 -27.61 -0.77
C GLN B 135 -10.42 -26.95 0.61
N ILE B 136 -9.87 -25.74 0.73
CA ILE B 136 -9.95 -25.00 1.99
C ILE B 136 -11.41 -24.62 2.21
N ALA B 137 -12.09 -24.24 1.12
CA ALA B 137 -13.50 -23.87 1.19
C ALA B 137 -14.34 -25.05 1.68
N ARG B 138 -14.05 -26.24 1.15
CA ARG B 138 -14.79 -27.43 1.53
C ARG B 138 -14.59 -27.76 3.01
N GLU B 139 -13.34 -27.65 3.46
CA GLU B 139 -12.98 -27.95 4.84
C GLU B 139 -13.64 -27.01 5.84
N ASN B 140 -14.02 -25.81 5.40
CA ASN B 140 -14.64 -24.84 6.29
C ASN B 140 -16.11 -24.55 5.95
N ILE B 141 -16.77 -25.49 5.29
CA ILE B 141 -18.17 -25.31 4.91
C ILE B 141 -19.12 -25.32 6.09
N ASN B 142 -18.67 -25.80 7.24
CA ASN B 142 -19.51 -25.84 8.42
C ASN B 142 -19.49 -24.49 9.14
N GLU B 143 -19.79 -23.44 8.39
CA GLU B 143 -19.82 -22.08 8.92
C GLU B 143 -20.81 -21.26 8.12
N ASP B 144 -20.97 -20.00 8.50
CA ASP B 144 -21.87 -19.05 7.85
C ASP B 144 -21.53 -18.93 6.37
N TYR B 145 -20.45 -19.59 5.96
CA TYR B 145 -19.99 -19.59 4.58
C TYR B 145 -19.03 -18.47 4.18
N LYS B 146 -18.79 -17.50 5.06
CA LYS B 146 -17.89 -16.40 4.69
C LYS B 146 -16.52 -16.88 4.23
N ASN B 147 -15.89 -17.74 5.02
CA ASN B 147 -14.57 -18.27 4.67
C ASN B 147 -14.60 -19.10 3.39
N SER B 148 -15.58 -19.98 3.28
CA SER B 148 -15.72 -20.82 2.09
C SER B 148 -15.94 -19.95 0.85
N ILE B 149 -16.78 -18.92 0.99
CA ILE B 149 -17.05 -18.01 -0.13
C ILE B 149 -15.75 -17.30 -0.54
N ALA B 150 -14.98 -16.86 0.44
CA ALA B 150 -13.73 -16.16 0.20
C ALA B 150 -12.71 -17.03 -0.55
N ASN B 151 -12.65 -18.31 -0.19
CA ASN B 151 -11.72 -19.23 -0.82
C ASN B 151 -12.17 -19.67 -2.21
N LEU B 152 -13.48 -19.84 -2.41
CA LEU B 152 -13.96 -20.22 -3.74
C LEU B 152 -13.75 -19.01 -4.67
N THR B 153 -13.82 -17.81 -4.11
CA THR B 153 -13.63 -16.60 -4.91
C THR B 153 -12.17 -16.51 -5.39
N LYS B 154 -11.24 -16.84 -4.51
CA LYS B 154 -9.82 -16.80 -4.89
C LYS B 154 -9.54 -17.91 -5.91
N ALA B 155 -10.19 -19.06 -5.73
CA ALA B 155 -10.00 -20.17 -6.68
C ALA B 155 -10.38 -19.64 -8.07
N PHE B 156 -11.53 -18.97 -8.12
CA PHE B 156 -12.05 -18.38 -9.36
C PHE B 156 -11.02 -17.45 -10.00
N SER B 157 -10.46 -16.54 -9.22
CA SER B 157 -9.46 -15.60 -9.72
C SER B 157 -8.24 -16.32 -10.30
N CYS B 158 -7.80 -17.37 -9.62
CA CYS B 158 -6.65 -18.15 -10.08
C CYS B 158 -6.91 -18.88 -11.41
N PHE B 159 -8.04 -19.59 -11.52
CA PHE B 159 -8.35 -20.30 -12.77
C PHE B 159 -8.53 -19.32 -13.93
N GLU B 160 -9.09 -18.15 -13.64
CA GLU B 160 -9.29 -17.13 -14.66
C GLU B 160 -7.95 -16.61 -15.20
N TYR B 161 -7.01 -16.35 -14.29
CA TYR B 161 -5.69 -15.86 -14.68
C TYR B 161 -5.00 -16.91 -15.56
N LEU B 162 -5.16 -18.18 -15.20
CA LEU B 162 -4.59 -19.27 -15.97
C LEU B 162 -5.15 -19.32 -17.40
N SER B 163 -6.47 -19.25 -17.53
CA SER B 163 -7.06 -19.31 -18.87
C SER B 163 -6.68 -18.15 -19.76
N GLU B 164 -6.40 -16.99 -19.17
CA GLU B 164 -6.04 -15.83 -19.97
C GLU B 164 -4.54 -15.57 -20.14
N ASN B 165 -3.70 -16.30 -19.40
CA ASN B 165 -2.27 -16.07 -19.48
C ASN B 165 -1.35 -17.20 -19.95
N PHE B 166 -1.85 -18.44 -19.98
CA PHE B 166 -1.04 -19.56 -20.46
C PHE B 166 -1.84 -20.22 -21.58
N LEU B 167 -1.37 -20.03 -22.81
CA LEU B 167 -2.09 -20.51 -23.99
C LEU B 167 -1.70 -21.80 -24.71
N ASN B 168 -0.47 -22.25 -24.58
CA ASN B 168 -0.08 -23.45 -25.32
C ASN B 168 0.47 -24.59 -24.47
N SER B 169 -0.19 -24.83 -23.34
CA SER B 169 0.23 -25.88 -22.43
C SER B 169 0.09 -27.28 -23.01
N PRO B 170 1.00 -28.19 -22.65
CA PRO B 170 0.92 -29.56 -23.17
C PRO B 170 -0.13 -30.39 -22.41
N SER B 171 -0.61 -29.85 -21.29
CA SER B 171 -1.60 -30.56 -20.47
C SER B 171 -3.05 -30.16 -20.74
N VAL B 172 -3.92 -31.17 -20.82
CA VAL B 172 -5.35 -30.93 -21.06
C VAL B 172 -5.94 -30.07 -19.94
N ASP B 173 -5.39 -30.18 -18.74
CA ASP B 173 -5.86 -29.41 -17.58
C ASP B 173 -5.65 -27.91 -17.76
N LEU B 174 -4.61 -27.54 -18.51
CA LEU B 174 -4.32 -26.12 -18.70
C LEU B 174 -4.80 -25.51 -20.01
N GLN B 175 -5.65 -26.21 -20.74
CA GLN B 175 -6.18 -25.64 -21.97
C GLN B 175 -7.10 -24.51 -21.50
N SER B 176 -7.04 -23.36 -22.18
CA SER B 176 -7.86 -22.22 -21.79
C SER B 176 -9.34 -22.51 -21.57
N GLU B 177 -9.92 -23.37 -22.41
CA GLU B 177 -11.34 -23.71 -22.29
C GLU B 177 -11.64 -24.43 -20.97
N ASN B 178 -10.72 -25.29 -20.55
CA ASN B 178 -10.92 -26.06 -19.33
C ASN B 178 -10.68 -25.27 -18.04
N THR B 179 -9.71 -24.35 -18.04
CA THR B 179 -9.48 -23.55 -16.84
C THR B 179 -10.60 -22.52 -16.74
N ARG B 180 -11.13 -22.10 -17.88
CA ARG B 180 -12.23 -21.14 -17.88
C ARG B 180 -13.46 -21.87 -17.29
N PHE B 181 -13.62 -23.14 -17.65
CA PHE B 181 -14.74 -23.94 -17.15
C PHE B 181 -14.61 -24.08 -15.63
N LEU B 182 -13.42 -24.39 -15.15
CA LEU B 182 -13.22 -24.54 -13.71
C LEU B 182 -13.44 -23.21 -12.98
N ALA B 183 -13.02 -22.10 -13.59
CA ALA B 183 -13.23 -20.79 -12.98
C ALA B 183 -14.75 -20.56 -12.87
N ASN B 184 -15.49 -20.92 -13.92
CA ASN B 184 -16.94 -20.75 -13.95
C ASN B 184 -17.63 -21.59 -12.88
N ILE B 185 -17.08 -22.77 -12.61
CA ILE B 185 -17.63 -23.65 -11.58
C ILE B 185 -17.44 -23.00 -10.21
N CYS B 186 -16.22 -22.50 -9.95
CA CYS B 186 -15.92 -21.84 -8.68
C CYS B 186 -16.74 -20.58 -8.46
N HIS B 187 -16.93 -19.79 -9.51
CA HIS B 187 -17.72 -18.56 -9.41
C HIS B 187 -19.18 -18.92 -9.09
N ALA B 188 -19.70 -19.94 -9.78
CA ALA B 188 -21.07 -20.37 -9.57
C ALA B 188 -21.29 -20.88 -8.14
N GLU B 189 -20.32 -21.62 -7.62
CA GLU B 189 -20.44 -22.16 -6.28
C GLU B 189 -20.32 -21.07 -5.22
N ALA B 190 -19.46 -20.09 -5.46
CA ALA B 190 -19.29 -18.99 -4.51
C ALA B 190 -20.61 -18.24 -4.37
N GLN B 191 -21.22 -17.93 -5.50
CA GLN B 191 -22.51 -17.23 -5.53
C GLN B 191 -23.56 -18.09 -4.83
N GLU B 192 -23.53 -19.39 -5.11
CA GLU B 192 -24.47 -20.31 -4.49
C GLU B 192 -24.39 -20.30 -2.96
N LEU B 193 -23.18 -20.29 -2.41
CA LEU B 193 -23.04 -20.26 -0.95
C LEU B 193 -23.55 -18.95 -0.39
N PHE B 194 -23.50 -17.89 -1.20
CA PHE B 194 -23.96 -16.58 -0.79
C PHE B 194 -25.48 -16.67 -0.57
N VAL B 195 -26.15 -17.34 -1.50
CA VAL B 195 -27.59 -17.54 -1.40
C VAL B 195 -27.90 -18.34 -0.14
N LEU B 196 -27.17 -19.44 0.06
CA LEU B 196 -27.35 -20.30 1.21
C LEU B 196 -27.06 -19.55 2.53
N LYS B 197 -26.12 -18.62 2.51
CA LYS B 197 -25.80 -17.87 3.72
C LYS B 197 -27.01 -17.04 4.15
N LEU B 198 -27.62 -16.32 3.21
CA LEU B 198 -28.77 -15.51 3.53
C LEU B 198 -29.98 -16.35 3.95
N LEU B 199 -30.11 -17.55 3.37
CA LEU B 199 -31.22 -18.41 3.71
C LEU B 199 -31.13 -18.82 5.18
N ASN B 200 -29.92 -18.80 5.73
CA ASN B 200 -29.72 -19.15 7.14
C ASN B 200 -29.69 -17.88 7.98
N ASP B 201 -29.68 -16.74 7.31
CA ASP B 201 -29.66 -15.46 8.00
C ASP B 201 -31.02 -15.22 8.64
N GLN B 202 -31.14 -15.57 9.91
CA GLN B 202 -32.38 -15.40 10.65
C GLN B 202 -32.92 -13.98 10.50
N ILE B 203 -32.03 -13.05 10.16
CA ILE B 203 -32.38 -11.65 10.00
C ILE B 203 -32.97 -11.30 8.63
N SER B 204 -32.16 -11.46 7.58
CA SER B 204 -32.59 -11.13 6.23
C SER B 204 -33.28 -12.26 5.46
N SER B 205 -33.63 -13.35 6.15
CA SER B 205 -34.30 -14.46 5.48
C SER B 205 -35.70 -13.98 5.08
N LYS B 206 -36.13 -12.87 5.68
CA LYS B 206 -37.45 -12.30 5.40
C LYS B 206 -37.40 -11.44 4.14
N GLN B 207 -36.19 -11.07 3.71
CA GLN B 207 -36.03 -10.27 2.50
C GLN B 207 -36.38 -11.19 1.34
N TYR B 208 -37.00 -10.65 0.30
CA TYR B 208 -37.39 -11.46 -0.84
C TYR B 208 -36.70 -11.08 -2.14
N THR B 209 -36.74 -9.80 -2.46
CA THR B 209 -36.13 -9.30 -3.69
C THR B 209 -34.64 -9.63 -3.76
N LEU B 210 -33.94 -9.40 -2.67
CA LEU B 210 -32.50 -9.68 -2.59
C LEU B 210 -32.24 -11.16 -2.87
N ILE B 211 -32.90 -12.03 -2.10
CA ILE B 211 -32.76 -13.48 -2.26
C ILE B 211 -33.02 -13.85 -3.72
N SER B 212 -34.08 -13.27 -4.29
CA SER B 212 -34.45 -13.53 -5.67
C SER B 212 -33.35 -13.16 -6.67
N LYS B 213 -32.74 -11.99 -6.48
CA LYS B 213 -31.68 -11.52 -7.37
C LYS B 213 -30.43 -12.40 -7.28
N LEU B 214 -30.06 -12.77 -6.06
CA LEU B 214 -28.88 -13.61 -5.85
C LEU B 214 -29.11 -14.99 -6.45
N SER B 215 -30.35 -15.49 -6.36
CA SER B 215 -30.70 -16.79 -6.91
C SER B 215 -30.67 -16.79 -8.43
N ARG B 216 -31.06 -15.68 -9.04
CA ARG B 216 -31.06 -15.59 -10.50
C ARG B 216 -29.63 -15.63 -11.00
N ALA B 217 -28.75 -14.89 -10.33
CA ALA B 217 -27.34 -14.86 -10.71
C ALA B 217 -26.75 -16.26 -10.61
N THR B 218 -27.12 -16.99 -9.55
CA THR B 218 -26.65 -18.35 -9.33
C THR B 218 -27.05 -19.20 -10.54
N CYS B 219 -28.29 -19.03 -10.96
CA CYS B 219 -28.80 -19.75 -12.12
C CYS B 219 -27.98 -19.41 -13.35
N ASN B 220 -27.80 -18.11 -13.59
CA ASN B 220 -27.04 -17.65 -14.75
C ASN B 220 -25.61 -18.20 -14.78
N LEU B 221 -24.96 -18.19 -13.61
CA LEU B 221 -23.59 -18.70 -13.53
C LEU B 221 -23.52 -20.20 -13.87
N PHE B 222 -24.47 -20.98 -13.37
CA PHE B 222 -24.48 -22.40 -13.67
C PHE B 222 -24.84 -22.66 -15.13
N GLN B 223 -25.55 -21.72 -15.75
CA GLN B 223 -25.92 -21.84 -17.16
C GLN B 223 -24.64 -21.84 -18.00
N LYS B 224 -23.67 -21.01 -17.61
CA LYS B 224 -22.38 -20.95 -18.31
C LYS B 224 -21.71 -22.32 -18.30
N CYS B 225 -21.79 -23.00 -17.17
CA CYS B 225 -21.19 -24.32 -17.02
C CYS B 225 -21.97 -25.34 -17.86
N HIS B 226 -23.29 -25.22 -17.82
CA HIS B 226 -24.16 -26.11 -18.59
C HIS B 226 -23.87 -25.97 -20.07
N ASP B 227 -23.80 -24.73 -20.54
CA ASP B 227 -23.55 -24.48 -21.96
C ASP B 227 -22.22 -25.06 -22.44
N PHE B 228 -21.20 -24.97 -21.59
CA PHE B 228 -19.89 -25.51 -21.95
C PHE B 228 -19.96 -27.02 -22.10
N MET B 229 -20.68 -27.68 -21.21
CA MET B 229 -20.82 -29.13 -21.22
C MET B 229 -21.84 -29.57 -22.25
N LYS B 230 -22.55 -28.61 -22.83
CA LYS B 230 -23.57 -28.90 -23.84
C LYS B 230 -22.96 -29.27 -25.19
N GLU B 231 -21.78 -28.72 -25.47
CA GLU B 231 -21.09 -29.00 -26.73
C GLU B 231 -20.64 -30.46 -26.78
N ILE B 232 -20.56 -31.09 -25.62
CA ILE B 232 -20.16 -32.49 -25.49
C ILE B 232 -21.18 -33.17 -24.58
N ASP B 233 -22.39 -33.35 -25.10
CA ASP B 233 -23.48 -33.96 -24.33
C ASP B 233 -23.22 -35.36 -23.76
N ASP B 234 -24.05 -36.32 -24.15
CA ASP B 234 -23.94 -37.69 -23.67
C ASP B 234 -22.51 -38.22 -23.71
N ASP B 235 -21.69 -37.67 -24.60
CA ASP B 235 -20.30 -38.08 -24.73
C ASP B 235 -19.60 -37.99 -23.39
N VAL B 236 -19.09 -39.11 -22.90
CA VAL B 236 -18.38 -39.12 -21.62
C VAL B 236 -16.97 -38.60 -21.93
N ALA B 237 -16.91 -37.60 -22.80
CA ALA B 237 -15.66 -36.97 -23.21
C ALA B 237 -15.49 -35.63 -22.52
N ILE B 238 -16.44 -35.30 -21.64
CA ILE B 238 -16.39 -34.04 -20.90
C ILE B 238 -15.07 -34.02 -20.14
N TYR B 239 -14.59 -32.83 -19.82
CA TYR B 239 -13.31 -32.68 -19.14
C TYR B 239 -13.14 -33.34 -17.76
N GLY B 240 -13.95 -32.95 -16.78
CA GLY B 240 -13.81 -33.51 -15.45
C GLY B 240 -14.57 -34.77 -15.08
N GLU B 241 -15.40 -34.67 -14.04
CA GLU B 241 -16.19 -35.79 -13.57
C GLU B 241 -17.52 -35.89 -14.32
N PRO B 242 -17.85 -37.09 -14.81
CA PRO B 242 -19.10 -37.31 -15.55
C PRO B 242 -20.36 -36.87 -14.80
N LYS B 243 -20.42 -37.19 -13.50
CA LYS B 243 -21.58 -36.84 -12.70
C LYS B 243 -21.85 -35.34 -12.52
N TRP B 244 -20.87 -34.49 -12.83
CA TRP B 244 -21.06 -33.05 -12.69
C TRP B 244 -22.14 -32.52 -13.62
N LYS B 245 -22.18 -33.04 -14.84
CA LYS B 245 -23.15 -32.58 -15.82
C LYS B 245 -24.59 -32.59 -15.33
N THR B 246 -25.00 -33.69 -14.72
CA THR B 246 -26.37 -33.80 -14.23
C THR B 246 -26.66 -32.81 -13.10
N THR B 247 -25.71 -32.67 -12.18
CA THR B 247 -25.89 -31.76 -11.05
C THR B 247 -25.92 -30.29 -11.47
N VAL B 248 -25.12 -29.94 -12.49
CA VAL B 248 -25.10 -28.57 -12.97
C VAL B 248 -26.46 -28.23 -13.56
N THR B 249 -27.00 -29.16 -14.35
CA THR B 249 -28.30 -28.95 -14.96
C THR B 249 -29.40 -28.84 -13.90
N CYS B 250 -29.33 -29.68 -12.87
CA CYS B 250 -30.33 -29.63 -11.82
C CYS B 250 -30.28 -28.26 -11.12
N LYS B 251 -29.08 -27.84 -10.69
CA LYS B 251 -28.93 -26.55 -10.01
C LYS B 251 -29.44 -25.38 -10.85
N LEU B 252 -29.18 -25.45 -12.15
CA LEU B 252 -29.60 -24.42 -13.10
C LEU B 252 -31.11 -24.18 -12.98
N HIS B 253 -31.87 -25.28 -13.09
CA HIS B 253 -33.33 -25.19 -13.01
C HIS B 253 -33.81 -24.94 -11.60
N PHE B 254 -33.13 -25.50 -10.60
CA PHE B 254 -33.54 -25.32 -9.22
C PHE B 254 -33.42 -23.87 -8.77
N TYR B 255 -32.31 -23.23 -9.10
CA TYR B 255 -32.12 -21.85 -8.69
C TYR B 255 -33.01 -20.90 -9.47
N LYS B 256 -33.37 -21.25 -10.70
CA LYS B 256 -34.26 -20.39 -11.45
C LYS B 256 -35.62 -20.46 -10.74
N SER B 257 -36.00 -21.67 -10.33
CA SER B 257 -37.26 -21.88 -9.60
C SER B 257 -37.27 -21.08 -8.30
N LEU B 258 -36.15 -21.10 -7.58
CA LEU B 258 -36.05 -20.38 -6.32
C LEU B 258 -36.17 -18.87 -6.51
N SER B 259 -35.60 -18.34 -7.60
CA SER B 259 -35.66 -16.91 -7.86
C SER B 259 -37.07 -16.48 -8.21
N ALA B 260 -37.80 -17.34 -8.93
CA ALA B 260 -39.18 -17.05 -9.30
C ALA B 260 -40.06 -17.12 -8.07
N TYR B 261 -39.78 -18.08 -7.20
CA TYR B 261 -40.53 -18.24 -5.96
C TYR B 261 -40.42 -16.98 -5.11
N TYR B 262 -39.20 -16.53 -4.85
CA TYR B 262 -38.99 -15.34 -4.05
C TYR B 262 -39.48 -14.06 -4.74
N HIS B 263 -39.38 -14.01 -6.06
CA HIS B 263 -39.86 -12.84 -6.80
C HIS B 263 -41.39 -12.79 -6.63
N GLY B 264 -42.00 -13.98 -6.61
CA GLY B 264 -43.44 -14.07 -6.43
C GLY B 264 -43.84 -13.62 -5.04
N LEU B 265 -43.06 -14.00 -4.03
CA LEU B 265 -43.38 -13.60 -2.66
C LEU B 265 -43.36 -12.08 -2.55
N HIS B 266 -42.46 -11.44 -3.28
CA HIS B 266 -42.39 -9.99 -3.24
C HIS B 266 -43.60 -9.37 -3.95
N LEU B 267 -43.96 -9.95 -5.10
CA LEU B 267 -45.11 -9.46 -5.85
C LEU B 267 -46.34 -9.49 -4.94
N GLU B 268 -46.44 -10.53 -4.12
CA GLU B 268 -47.56 -10.65 -3.20
C GLU B 268 -47.52 -9.49 -2.21
N GLU B 269 -46.32 -9.11 -1.81
CA GLU B 269 -46.14 -7.99 -0.88
C GLU B 269 -46.58 -6.67 -1.53
N GLU B 270 -46.44 -6.60 -2.85
CA GLU B 270 -46.83 -5.39 -3.58
C GLU B 270 -48.30 -5.45 -4.01
N ASN B 271 -49.03 -6.42 -3.46
CA ASN B 271 -50.44 -6.58 -3.77
C ASN B 271 -50.69 -6.89 -5.24
N ARG B 272 -49.75 -7.61 -5.85
CA ARG B 272 -49.87 -8.01 -7.24
C ARG B 272 -50.03 -9.53 -7.27
N VAL B 273 -51.07 -10.00 -6.59
CA VAL B 273 -51.35 -11.43 -6.49
C VAL B 273 -51.51 -12.12 -7.84
N GLY B 274 -52.13 -11.45 -8.80
CA GLY B 274 -52.32 -12.03 -10.11
C GLY B 274 -50.99 -12.49 -10.70
N GLU B 275 -50.04 -11.56 -10.76
CA GLU B 275 -48.72 -11.84 -11.29
C GLU B 275 -47.96 -12.83 -10.40
N ALA B 276 -48.19 -12.74 -9.09
CA ALA B 276 -47.54 -13.62 -8.14
C ALA B 276 -47.91 -15.08 -8.42
N ILE B 277 -49.16 -15.30 -8.80
CA ILE B 277 -49.63 -16.64 -9.11
C ILE B 277 -48.88 -17.15 -10.34
N ALA B 278 -48.70 -16.27 -11.32
CA ALA B 278 -48.00 -16.60 -12.55
C ALA B 278 -46.56 -17.03 -12.26
N PHE B 279 -45.88 -16.28 -11.41
CA PHE B 279 -44.49 -16.61 -11.08
C PHE B 279 -44.35 -17.87 -10.24
N LEU B 280 -45.35 -18.18 -9.42
CA LEU B 280 -45.29 -19.40 -8.62
C LEU B 280 -45.49 -20.55 -9.60
N ASP B 281 -46.32 -20.30 -10.61
CA ASP B 281 -46.59 -21.29 -11.65
C ASP B 281 -45.28 -21.58 -12.38
N PHE B 282 -44.58 -20.51 -12.76
CA PHE B 282 -43.30 -20.63 -13.46
C PHE B 282 -42.29 -21.33 -12.55
N SER B 283 -42.33 -21.02 -11.26
CA SER B 283 -41.42 -21.63 -10.30
C SER B 283 -41.60 -23.15 -10.26
N MET B 284 -42.86 -23.59 -10.28
CA MET B 284 -43.19 -25.01 -10.25
C MET B 284 -42.66 -25.70 -11.52
N GLN B 285 -42.82 -25.02 -12.65
CA GLN B 285 -42.35 -25.54 -13.93
C GLN B 285 -40.85 -25.84 -13.87
N GLN B 286 -40.08 -24.90 -13.33
CA GLN B 286 -38.63 -25.06 -13.23
C GLN B 286 -38.23 -26.14 -12.25
N LEU B 287 -38.95 -26.25 -11.13
CA LEU B 287 -38.64 -27.27 -10.15
C LEU B 287 -38.88 -28.65 -10.78
N ILE B 288 -39.98 -28.78 -11.50
CA ILE B 288 -40.30 -30.05 -12.15
C ILE B 288 -39.20 -30.37 -13.16
N SER B 289 -38.76 -29.35 -13.90
CA SER B 289 -37.70 -29.53 -14.89
C SER B 289 -36.39 -30.01 -14.27
N SER B 290 -36.16 -29.68 -13.01
CA SER B 290 -34.93 -30.07 -12.34
C SER B 290 -34.93 -31.52 -11.88
N LEU B 291 -36.12 -32.05 -11.62
CA LEU B 291 -36.29 -33.41 -11.11
C LEU B 291 -35.57 -34.55 -11.84
N PRO B 292 -35.65 -34.59 -13.17
CA PRO B 292 -34.95 -35.70 -13.82
C PRO B 292 -33.42 -35.63 -13.68
N PHE B 293 -32.91 -34.55 -13.09
CA PHE B 293 -31.47 -34.39 -12.93
C PHE B 293 -30.99 -34.32 -11.48
N LYS B 294 -31.85 -34.63 -10.52
CA LYS B 294 -31.46 -34.53 -9.12
C LYS B 294 -30.83 -35.74 -8.45
N THR B 295 -30.51 -36.75 -9.25
CA THR B 295 -29.92 -37.99 -8.75
C THR B 295 -28.94 -37.87 -7.58
N TRP B 296 -27.94 -37.00 -7.69
CA TRP B 296 -26.94 -36.86 -6.63
C TRP B 296 -27.28 -35.87 -5.52
N LEU B 297 -28.38 -35.13 -5.68
CA LEU B 297 -28.77 -34.11 -4.71
C LEU B 297 -29.92 -34.46 -3.76
N VAL B 298 -30.59 -35.58 -3.99
CA VAL B 298 -31.73 -35.97 -3.14
C VAL B 298 -31.47 -35.92 -1.64
N GLU B 299 -30.23 -36.03 -1.22
CA GLU B 299 -29.92 -35.97 0.20
C GLU B 299 -29.45 -34.58 0.60
N PHE B 300 -29.37 -33.68 -0.37
CA PHE B 300 -28.90 -32.32 -0.13
C PHE B 300 -30.02 -31.28 -0.21
N ILE B 301 -31.00 -31.56 -1.06
CA ILE B 301 -32.14 -30.67 -1.26
C ILE B 301 -33.44 -31.46 -1.10
N ASP B 302 -34.35 -30.95 -0.28
CA ASP B 302 -35.62 -31.60 -0.07
C ASP B 302 -36.59 -31.18 -1.18
N PHE B 303 -36.43 -31.81 -2.34
CA PHE B 303 -37.25 -31.53 -3.52
C PHE B 303 -38.75 -31.67 -3.29
N ASP B 304 -39.17 -32.78 -2.66
CA ASP B 304 -40.60 -33.00 -2.41
C ASP B 304 -41.17 -31.94 -1.48
N GLY B 305 -40.41 -31.62 -0.42
CA GLY B 305 -40.86 -30.63 0.54
C GLY B 305 -41.00 -29.24 -0.06
N PHE B 306 -40.13 -28.89 -1.01
CA PHE B 306 -40.20 -27.58 -1.64
C PHE B 306 -41.41 -27.59 -2.58
N LYS B 307 -41.65 -28.74 -3.21
CA LYS B 307 -42.77 -28.88 -4.12
C LYS B 307 -44.05 -28.61 -3.34
N GLU B 308 -44.07 -29.07 -2.09
CA GLU B 308 -45.23 -28.89 -1.22
C GLU B 308 -45.36 -27.43 -0.79
N THR B 309 -44.22 -26.79 -0.53
CA THR B 309 -44.21 -25.39 -0.14
C THR B 309 -44.80 -24.53 -1.27
N LEU B 310 -44.42 -24.81 -2.51
CA LEU B 310 -44.92 -24.08 -3.67
C LEU B 310 -46.41 -24.30 -3.91
N GLU B 311 -46.86 -25.54 -3.74
CA GLU B 311 -48.28 -25.85 -3.94
C GLU B 311 -49.14 -25.18 -2.88
N LYS B 312 -48.66 -25.23 -1.64
CA LYS B 312 -49.37 -24.63 -0.51
C LYS B 312 -49.53 -23.12 -0.71
N LYS B 313 -48.45 -22.46 -1.11
CA LYS B 313 -48.49 -21.03 -1.33
C LYS B 313 -49.38 -20.66 -2.53
N GLN B 314 -49.27 -21.42 -3.61
CA GLN B 314 -50.08 -21.13 -4.78
C GLN B 314 -51.57 -21.31 -4.48
N LYS B 315 -51.89 -22.31 -3.66
CA LYS B 315 -53.28 -22.56 -3.28
C LYS B 315 -53.84 -21.34 -2.57
N GLU B 316 -53.10 -20.83 -1.59
CA GLU B 316 -53.50 -19.65 -0.82
C GLU B 316 -53.68 -18.43 -1.71
N LEU B 317 -52.72 -18.18 -2.58
CA LEU B 317 -52.79 -17.04 -3.50
C LEU B 317 -54.05 -17.13 -4.36
N ILE B 318 -54.31 -18.31 -4.91
CA ILE B 318 -55.49 -18.53 -5.74
C ILE B 318 -56.79 -18.26 -4.97
N LYS B 319 -56.85 -18.73 -3.73
CA LYS B 319 -58.04 -18.52 -2.92
C LYS B 319 -58.23 -17.03 -2.62
N ASP B 320 -57.16 -16.32 -2.28
CA ASP B 320 -57.27 -14.89 -2.01
C ASP B 320 -57.62 -14.14 -3.28
N ASN B 321 -57.08 -14.58 -4.41
CA ASN B 321 -57.35 -13.92 -5.68
C ASN B 321 -58.82 -14.03 -6.07
N ASP B 322 -59.40 -15.22 -5.90
CA ASP B 322 -60.80 -15.44 -6.27
C ASP B 322 -61.77 -14.77 -5.30
N PHE B 323 -61.38 -14.67 -4.03
CA PHE B 323 -62.24 -14.07 -3.01
C PHE B 323 -62.15 -12.55 -2.92
N ILE B 324 -60.95 -12.01 -3.10
CA ILE B 324 -60.74 -10.57 -2.97
C ILE B 324 -60.22 -9.80 -4.20
N TYR B 325 -58.96 -10.01 -4.51
CA TYR B 325 -58.26 -9.33 -5.60
C TYR B 325 -58.85 -9.40 -7.00
N HIS B 326 -59.35 -10.55 -7.42
CA HIS B 326 -59.93 -10.69 -8.75
C HIS B 326 -58.97 -10.21 -9.84
N GLU B 327 -57.70 -10.51 -9.67
CA GLU B 327 -56.68 -10.09 -10.64
C GLU B 327 -56.41 -11.16 -11.70
N SER B 328 -56.15 -10.71 -12.92
CA SER B 328 -55.88 -11.63 -14.02
C SER B 328 -54.50 -12.24 -13.91
N VAL B 329 -54.43 -13.54 -14.18
CA VAL B 329 -53.17 -14.28 -14.12
C VAL B 329 -52.55 -14.36 -15.52
N PRO B 330 -51.42 -13.67 -15.73
CA PRO B 330 -50.75 -13.68 -17.04
C PRO B 330 -50.41 -15.10 -17.47
N ALA B 331 -50.44 -15.35 -18.77
CA ALA B 331 -50.13 -16.67 -19.31
C ALA B 331 -48.63 -16.74 -19.57
N VAL B 332 -48.10 -15.65 -20.11
CA VAL B 332 -46.68 -15.56 -20.42
C VAL B 332 -45.98 -14.77 -19.31
N VAL B 333 -44.94 -15.34 -18.74
CA VAL B 333 -44.21 -14.69 -17.66
C VAL B 333 -42.92 -14.02 -18.14
N GLN B 334 -42.65 -12.83 -17.64
CA GLN B 334 -41.46 -12.08 -18.00
C GLN B 334 -40.26 -12.47 -17.14
N VAL B 335 -39.46 -13.42 -17.63
CA VAL B 335 -38.29 -13.90 -16.90
C VAL B 335 -37.25 -12.79 -16.67
N ASP B 336 -37.08 -11.93 -17.68
CA ASP B 336 -36.13 -10.83 -17.58
C ASP B 336 -36.52 -9.85 -16.49
N SER B 337 -37.73 -9.99 -15.97
CA SER B 337 -38.21 -9.13 -14.91
C SER B 337 -37.43 -9.41 -13.64
N ILE B 338 -36.92 -10.64 -13.53
CA ILE B 338 -36.12 -11.04 -12.38
C ILE B 338 -34.69 -10.63 -12.64
N LYS B 339 -34.25 -9.55 -12.01
CA LYS B 339 -32.90 -9.04 -12.17
C LYS B 339 -31.92 -9.92 -11.40
N ALA B 340 -30.67 -9.94 -11.85
CA ALA B 340 -29.66 -10.75 -11.21
C ALA B 340 -28.60 -9.90 -10.51
N LEU B 341 -28.09 -10.42 -9.39
CA LEU B 341 -27.06 -9.73 -8.63
C LEU B 341 -25.89 -10.66 -8.33
N ASP B 342 -24.77 -10.41 -9.00
CA ASP B 342 -23.54 -11.20 -8.84
C ASP B 342 -22.81 -10.60 -7.63
N ALA B 343 -22.80 -11.33 -6.52
CA ALA B 343 -22.16 -10.83 -5.31
C ALA B 343 -20.67 -11.16 -5.17
N ILE B 344 -20.09 -11.80 -6.18
CA ILE B 344 -18.68 -12.16 -6.08
C ILE B 344 -17.72 -11.07 -6.52
N LYS B 345 -16.94 -10.58 -5.58
CA LYS B 345 -15.93 -9.53 -5.83
C LYS B 345 -14.60 -10.25 -5.92
N SER B 346 -14.20 -10.63 -7.13
CA SER B 346 -12.94 -11.34 -7.33
C SER B 346 -11.69 -10.46 -7.30
N PRO B 347 -10.72 -10.82 -6.45
CA PRO B 347 -9.49 -10.02 -6.37
C PRO B 347 -8.57 -10.46 -7.49
N THR B 348 -7.59 -9.64 -7.83
CA THR B 348 -6.64 -9.96 -8.89
C THR B 348 -5.63 -11.03 -8.40
N TRP B 349 -5.14 -11.86 -9.31
CA TRP B 349 -4.16 -12.88 -8.93
C TRP B 349 -2.92 -12.15 -8.40
N GLU B 350 -2.60 -11.03 -9.03
CA GLU B 350 -1.44 -10.23 -8.61
C GLU B 350 -1.57 -9.81 -7.15
N LYS B 351 -2.79 -9.48 -6.73
CA LYS B 351 -3.05 -9.05 -5.35
C LYS B 351 -2.99 -10.24 -4.40
N ILE B 352 -3.38 -11.41 -4.88
CA ILE B 352 -3.36 -12.60 -4.04
C ILE B 352 -1.91 -13.01 -3.77
N LEU B 353 -1.08 -12.90 -4.79
CA LEU B 353 0.34 -13.27 -4.69
C LEU B 353 1.19 -12.24 -3.95
N GLU B 354 0.87 -10.96 -4.13
CA GLU B 354 1.61 -9.85 -3.54
C GLU B 354 2.21 -10.00 -2.14
N PRO B 355 1.41 -10.38 -1.13
CA PRO B 355 1.95 -10.53 0.22
C PRO B 355 3.14 -11.48 0.36
N TYR B 356 3.28 -12.44 -0.56
CA TYR B 356 4.36 -13.42 -0.48
C TYR B 356 5.64 -13.03 -1.23
N MET B 357 5.53 -12.04 -2.11
CA MET B 357 6.64 -11.59 -2.95
C MET B 357 7.90 -10.99 -2.28
N GLN B 358 7.73 -10.09 -1.32
CA GLN B 358 8.87 -9.46 -0.65
C GLN B 358 9.86 -10.38 0.07
N ASP B 359 9.37 -11.19 0.98
CA ASP B 359 10.25 -12.10 1.73
C ASP B 359 11.00 -13.06 0.82
N VAL B 360 10.39 -13.43 -0.29
CA VAL B 360 11.02 -14.35 -1.23
C VAL B 360 12.19 -13.67 -1.94
N ALA B 361 11.98 -12.42 -2.38
CA ALA B 361 13.03 -11.67 -3.06
C ALA B 361 14.30 -11.50 -2.20
N ASN B 362 14.13 -11.29 -0.90
CA ASN B 362 15.27 -11.11 -0.01
C ASN B 362 16.01 -12.43 0.23
N LYS B 363 15.25 -13.50 0.43
CA LYS B 363 15.81 -14.80 0.70
C LYS B 363 16.60 -15.41 -0.46
N TYR B 364 16.12 -15.21 -1.68
CA TYR B 364 16.79 -15.80 -2.83
C TYR B 364 17.63 -14.88 -3.72
N ASP B 365 17.80 -13.64 -3.29
CA ASP B 365 18.58 -12.67 -4.07
C ASP B 365 19.98 -13.18 -4.47
N SER B 366 20.70 -13.78 -3.53
CA SER B 366 22.03 -14.30 -3.82
C SER B 366 21.95 -15.45 -4.81
N LEU B 367 20.96 -16.33 -4.64
CA LEU B 367 20.77 -17.45 -5.55
C LEU B 367 20.55 -16.91 -6.95
N TYR B 368 19.67 -15.91 -7.07
CA TYR B 368 19.35 -15.30 -8.36
C TYR B 368 20.58 -14.66 -9.00
N ARG B 369 21.29 -13.81 -8.25
CA ARG B 369 22.47 -13.14 -8.79
C ARG B 369 23.45 -14.15 -9.38
N GLY B 370 23.55 -15.32 -8.76
CA GLY B 370 24.47 -16.34 -9.24
C GLY B 370 24.12 -16.97 -10.57
N ILE B 371 22.84 -16.95 -10.94
CA ILE B 371 22.39 -17.53 -12.20
C ILE B 371 22.42 -16.52 -13.34
N ILE B 372 21.92 -15.31 -13.07
CA ILE B 372 21.87 -14.26 -14.06
C ILE B 372 23.12 -14.23 -14.96
#